data_9JR3
#
_entry.id   9JR3
#
_cell.length_a   1.00
_cell.length_b   1.00
_cell.length_c   1.00
_cell.angle_alpha   90.00
_cell.angle_beta   90.00
_cell.angle_gamma   90.00
#
_symmetry.space_group_name_H-M   'P 1'
#
loop_
_entity.id
_entity.type
_entity.pdbx_description
1 polymer 'Parathyroid hormone/parathyroid hormone-related peptide receptor'
2 polymer 'Parathyroid hormone'
3 polymer 'Guanine nucleotide-binding protein G(i) subunit alpha-1 (miniGq)'
4 polymer 'Guanine nucleotide-binding protein G(I)/G(S)/G(T) subunit beta-1'
5 polymer 'Guanine nucleotide-binding protein G(I)/G(S)/G(O) subunit gamma-2'
6 polymer scFv16
7 branched 2-acetamido-2-deoxy-beta-D-glucopyranose-(1-4)-2-acetamido-2-deoxy-beta-D-glucopyranose
8 water water
#
loop_
_entity_poly.entity_id
_entity_poly.type
_entity_poly.pdbx_seq_one_letter_code
_entity_poly.pdbx_strand_id
1 'polypeptide(L)'
;DADDVMTKEEQIFLLHRAQAQCEKRLKEVLQRPASIMESDKGWTSASTSGKPRKDKASGKLYPESEEDKEAPTGSRYRGR
PCLPEWDHILCWPLGAPGEVVAVPCPDYIYDFNHKGHAYRRCDRNGSWELVPGHNRTWANYSECVKFLTNETREREVFDR
LGMIYTVGYSVSLASLTVAVLILAYFRRLHCTRNYIHMHLFLSFMLRAVSIFVKDAVLYSGATLDEAERLTEEELRAIAQ
APPPPATAAAGYAGCRVAVTFFLYFLATNYYWILVEGLYLHSLIFMAFFSEKKYLWGFTVFGWGLPAVFVAVWVSVRATL
ANTGCWDLSSGNKKWIIQVPILASIVLNFILFINIVRVLATKLRETNAGRCDTRQQYRKLLKSTLVLMPLFGVHYIVFMA
TPYTEVSGTLWQVQMHYEMLFNSFQGFFVAIIYCFCNGEVQAEIKKSWSRWTLALDFKRKARSGSSSYSYGPMVSHTSVT
NVGPRVGLGLPLSPRLLPTATTNGHPQLPGHAKPGTPALETLETTPPAMAAPKDDGFLNGSCSGLDEEASGPERPPALLQ
EEWETVM
;
R
2 'polypeptide(L)' SVSEIQLMHNLGKHLNSMERVEWLRKKLQDVHNF(NH2) P
3 'polypeptide(L)'
;GSTVSAEDKAAAERSKMIDKNLREDGEKARRTLRLLLLGADNSGKSTIVKQMRILHGGSGGSGGTSGIFETKFQVDKVNF
HMFDVGGQRDERRKWIQCFNDVTAIIFVVDSSDYNRLQEALNDFKSIWNNRWLRTISVILFLNKQDLLAEKVLAGKSKIE
DYFPEFARYTTPEDATPEPGEDPRVTRAKYFIRKEFVDISTASGDGRHICYPHFTCAVDTENARRIFNDCKDIILQMNLR
EYNLV
;
A
4 'polypeptide(L)'
;GSQLQSELDQLRQEAEQLKNQIRDARKACADATLSQITNNIDPVGRIQMRTRRTLRGHLAKIYAMHWGTDSRLLVSASQD
GKLIIWDSYTTNKVHAIPLRSSWVMTCAYAPSGNYVACGGLDNICSIYNLKTREGNVRVSRELAGHTGYLSCCRFLDDNQ
IVTSSGDTTCALWDIETGQQTTTFTGHTGDVMSLSLAPDTRLFVSGACDASAKLWDVREGMCRQTFTGHESDINAICFFP
NGNAFATGSDDATCRLFDLRADQELMTYSHDNIICGITSVSFSKSGRLLLAGYDDFNCNVWDALKADRAGVLAGHDNRVS
CLGVTDDGMAVATGSWDSFLKIWN
;
B
5 'polypeptide(L)' MASNNTASIAQARKLVEQLKMEANIDRIKVSKAAADLMAYCEAHAKEDPLLTPVPASENPFREKKFFS G
6 'polypeptide(L)'
;DVQLVESGGGLVQPGGSRKLSCSASGFAFSSFGMHWVRQAPEKGLEWVAYISSGSGTIYYADTVKGRFTISRDDPKNTLF
LQMTSLRSEDTAMYYCVRSIYYYGSSPFDFWGQGTTLTVSSGGGGSGGGGSGGGGSDIVMTQATSSVPVTPGESVSISCR
SSKSLLHSNGNTYLYWFLQRPGQSPQLLIYRMSNLASGVPDRFSGSGSGTAFTLTISRLEAEDVGVYYCMQHLEYPLTFG
AGTKLELKAAAASSEDLYFQ
;
S
#
# COMPACT_ATOMS: atom_id res chain seq x y z
N VAL A 5 -33.98 -9.39 49.44
CA VAL A 5 -33.26 -10.59 49.94
C VAL A 5 -33.53 -10.82 51.42
N MET A 6 -33.93 -12.04 51.76
CA MET A 6 -33.98 -12.51 53.12
C MET A 6 -32.71 -13.32 53.40
N THR A 7 -32.23 -13.29 54.64
CA THR A 7 -30.94 -13.86 54.99
C THR A 7 -31.10 -14.80 56.18
N LYS A 8 -30.02 -15.54 56.45
CA LYS A 8 -30.01 -16.48 57.57
C LYS A 8 -30.15 -15.78 58.91
N GLU A 9 -29.89 -14.48 58.98
CA GLU A 9 -29.99 -13.75 60.23
C GLU A 9 -31.42 -13.31 60.52
N GLU A 10 -32.08 -12.68 59.55
CA GLU A 10 -33.48 -12.34 59.72
C GLU A 10 -34.34 -13.59 59.87
N GLN A 11 -34.03 -14.63 59.08
CA GLN A 11 -34.81 -15.86 59.14
C GLN A 11 -34.75 -16.50 60.52
N ILE A 12 -33.54 -16.56 61.10
CA ILE A 12 -33.40 -17.13 62.43
C ILE A 12 -34.11 -16.27 63.46
N PHE A 13 -34.03 -14.95 63.32
CA PHE A 13 -34.68 -14.07 64.26
C PHE A 13 -36.20 -14.30 64.27
N LEU A 14 -36.79 -14.45 63.09
CA LEU A 14 -38.22 -14.70 63.02
C LEU A 14 -38.58 -16.02 63.68
N LEU A 15 -37.77 -17.06 63.46
CA LEU A 15 -38.07 -18.36 64.06
C LEU A 15 -38.06 -18.26 65.58
N HIS A 16 -37.05 -17.61 66.16
CA HIS A 16 -37.01 -17.45 67.61
C HIS A 16 -38.19 -16.63 68.10
N ARG A 17 -38.57 -15.59 67.35
CA ARG A 17 -39.74 -14.80 67.71
C ARG A 17 -41.00 -15.67 67.72
N ALA A 18 -41.17 -16.51 66.70
CA ALA A 18 -42.30 -17.42 66.68
C ALA A 18 -42.24 -18.42 67.83
N GLN A 19 -41.04 -18.94 68.12
CA GLN A 19 -40.89 -19.89 69.22
C GLN A 19 -41.26 -19.24 70.55
N ALA A 20 -40.77 -18.02 70.78
CA ALA A 20 -41.11 -17.31 72.01
C ALA A 20 -42.61 -17.06 72.10
N GLN A 21 -43.22 -16.63 70.99
CA GLN A 21 -44.67 -16.45 70.97
C GLN A 21 -45.37 -17.79 71.21
N CYS A 22 -44.77 -18.87 70.72
CA CYS A 22 -45.35 -20.20 70.93
C CYS A 22 -45.39 -20.54 72.42
N GLU A 23 -44.28 -20.28 73.13
CA GLU A 23 -44.23 -20.58 74.54
C GLU A 23 -45.27 -19.80 75.33
N LYS A 24 -45.44 -18.51 75.01
CA LYS A 24 -46.45 -17.71 75.69
C LYS A 24 -47.84 -18.27 75.49
N ARG A 25 -48.15 -18.69 74.26
CA ARG A 25 -49.45 -19.30 73.99
C ARG A 25 -49.62 -20.59 74.78
N LEU A 26 -48.58 -21.41 74.87
CA LEU A 26 -48.65 -22.64 75.65
C LEU A 26 -48.80 -22.35 77.13
N LYS A 27 -48.14 -21.29 77.62
CA LYS A 27 -48.24 -20.94 79.03
C LYS A 27 -49.67 -20.59 79.42
N GLU A 28 -50.46 -20.08 78.48
CA GLU A 28 -51.85 -19.74 78.76
C GLU A 28 -52.71 -20.99 78.85
N CYS A 82 -54.93 -34.21 72.11
CA CYS A 82 -53.50 -34.01 72.18
C CYS A 82 -53.17 -32.55 72.49
N LEU A 83 -52.18 -32.33 73.38
CA LEU A 83 -51.84 -30.98 73.78
C LEU A 83 -50.90 -30.33 72.77
N PRO A 84 -50.92 -29.00 72.67
CA PRO A 84 -50.01 -28.32 71.74
C PRO A 84 -48.55 -28.49 72.14
N GLU A 85 -47.67 -28.46 71.15
CA GLU A 85 -46.25 -28.60 71.39
C GLU A 85 -45.46 -28.00 70.23
N TRP A 86 -44.18 -27.76 70.47
CA TRP A 86 -43.30 -27.12 69.50
C TRP A 86 -42.41 -28.17 68.85
N ASP A 87 -42.43 -28.20 67.51
CA ASP A 87 -41.66 -29.15 66.73
C ASP A 87 -40.54 -28.47 65.94
N HIS A 88 -39.97 -27.38 66.46
CA HIS A 88 -38.83 -26.69 65.86
C HIS A 88 -39.25 -25.87 64.64
N ILE A 89 -40.51 -25.98 64.22
CA ILE A 89 -41.01 -25.11 63.16
C ILE A 89 -42.41 -24.61 63.49
N LEU A 90 -43.33 -25.52 63.79
CA LEU A 90 -44.75 -25.20 63.88
C LEU A 90 -45.27 -25.42 65.29
N CYS A 91 -46.33 -24.69 65.64
CA CYS A 91 -47.04 -24.87 66.90
C CYS A 91 -48.31 -25.67 66.62
N TRP A 92 -48.27 -26.96 66.90
CA TRP A 92 -49.44 -27.78 66.63
C TRP A 92 -50.54 -27.45 67.65
N PRO A 93 -51.77 -27.21 67.21
CA PRO A 93 -52.85 -26.86 68.13
C PRO A 93 -53.37 -28.10 68.86
N LEU A 94 -54.38 -27.88 69.70
CA LEU A 94 -54.98 -28.95 70.48
C LEU A 94 -55.63 -29.99 69.57
N GLY A 98 -58.39 -38.95 68.27
CA GLY A 98 -58.65 -39.84 67.15
C GLY A 98 -59.09 -39.10 65.91
N GLU A 99 -58.45 -37.96 65.64
CA GLU A 99 -58.75 -37.14 64.48
C GLU A 99 -57.46 -36.70 63.82
N VAL A 100 -57.55 -36.42 62.52
CA VAL A 100 -56.39 -35.98 61.73
C VAL A 100 -56.35 -34.46 61.83
N VAL A 101 -55.42 -33.93 62.61
CA VAL A 101 -55.28 -32.49 62.79
C VAL A 101 -54.55 -31.91 61.60
N ALA A 102 -55.11 -30.85 61.02
CA ALA A 102 -54.53 -30.16 59.88
C ALA A 102 -54.25 -28.72 60.28
N VAL A 103 -53.04 -28.24 59.96
CA VAL A 103 -52.64 -26.88 60.29
C VAL A 103 -52.05 -26.23 59.05
N PRO A 104 -52.26 -24.94 58.81
CA PRO A 104 -51.61 -24.29 57.68
C PRO A 104 -50.09 -24.35 57.81
N CYS A 105 -49.41 -24.43 56.67
CA CYS A 105 -47.97 -24.39 56.68
C CYS A 105 -47.51 -23.06 57.29
N PRO A 106 -46.43 -23.03 58.05
CA PRO A 106 -46.04 -21.79 58.74
C PRO A 106 -45.88 -20.64 57.76
N ASP A 107 -46.51 -19.51 58.10
CA ASP A 107 -46.51 -18.34 57.22
C ASP A 107 -45.25 -17.50 57.35
N TYR A 108 -44.44 -17.71 58.38
CA TYR A 108 -43.23 -16.94 58.59
C TYR A 108 -42.00 -17.57 57.97
N ILE A 109 -42.16 -18.69 57.26
CA ILE A 109 -41.08 -19.31 56.50
C ILE A 109 -41.27 -18.92 55.04
N TYR A 110 -40.29 -18.21 54.49
CA TYR A 110 -40.42 -17.67 53.14
C TYR A 110 -40.38 -18.77 52.08
N ASP A 111 -39.60 -19.83 52.32
CA ASP A 111 -39.44 -20.91 51.36
C ASP A 111 -40.49 -22.01 51.52
N PHE A 112 -41.64 -21.70 52.10
CA PHE A 112 -42.69 -22.67 52.36
C PHE A 112 -43.92 -22.35 51.53
N ASN A 113 -44.53 -23.38 50.96
CA ASN A 113 -45.76 -23.23 50.17
C ASN A 113 -46.91 -22.92 51.13
N HIS A 114 -47.28 -21.65 51.22
CA HIS A 114 -48.33 -21.24 52.15
C HIS A 114 -49.71 -21.73 51.73
N LYS A 115 -49.88 -22.17 50.49
CA LYS A 115 -51.17 -22.68 50.04
C LYS A 115 -51.48 -24.07 50.59
N GLY A 116 -50.47 -24.81 51.01
CA GLY A 116 -50.65 -26.14 51.56
C GLY A 116 -50.88 -26.12 53.06
N HIS A 117 -50.84 -27.30 53.65
CA HIS A 117 -51.04 -27.47 55.09
C HIS A 117 -50.32 -28.73 55.54
N ALA A 118 -50.09 -28.80 56.85
CA ALA A 118 -49.43 -29.94 57.49
C ALA A 118 -50.45 -30.75 58.26
N TYR A 119 -50.37 -32.07 58.14
CA TYR A 119 -51.35 -32.98 58.73
C TYR A 119 -50.69 -33.82 59.82
N ARG A 120 -51.44 -34.02 60.91
CA ARG A 120 -51.03 -34.88 62.01
C ARG A 120 -52.21 -35.77 62.41
N ARG A 121 -51.92 -36.75 63.26
CA ARG A 121 -52.94 -37.66 63.79
C ARG A 121 -52.85 -37.64 65.30
N CYS A 122 -54.00 -37.48 65.96
CA CYS A 122 -54.04 -37.43 67.42
C CYS A 122 -54.63 -38.71 67.99
N TRP A 128 -50.63 -37.48 70.48
CA TRP A 128 -50.22 -37.42 69.07
C TRP A 128 -49.84 -38.80 68.55
N GLU A 129 -50.09 -39.01 67.26
CA GLU A 129 -49.74 -40.28 66.64
C GLU A 129 -48.23 -40.43 66.58
N LEU A 130 -47.76 -41.64 66.88
CA LEU A 130 -46.34 -41.98 66.83
C LEU A 130 -46.04 -42.78 65.57
N VAL A 131 -44.86 -42.57 65.00
CA VAL A 131 -44.44 -43.28 63.79
C VAL A 131 -44.26 -44.76 64.14
N PRO A 132 -44.94 -45.68 63.46
CA PRO A 132 -44.71 -47.10 63.76
C PRO A 132 -43.27 -47.50 63.52
N GLY A 133 -42.76 -48.36 64.40
CA GLY A 133 -41.39 -48.82 64.31
C GLY A 133 -40.36 -47.87 64.88
N HIS A 134 -40.78 -46.75 65.46
CA HIS A 134 -39.85 -45.78 66.01
C HIS A 134 -40.55 -45.03 67.14
N ASN A 135 -39.81 -44.11 67.78
CA ASN A 135 -40.30 -43.32 68.89
C ASN A 135 -40.30 -41.83 68.54
N ARG A 136 -40.65 -41.51 67.30
CA ARG A 136 -40.71 -40.14 66.82
C ARG A 136 -42.12 -39.83 66.36
N THR A 137 -42.60 -38.64 66.71
CA THR A 137 -43.95 -38.24 66.33
C THR A 137 -44.08 -38.16 64.81
N TRP A 138 -45.25 -38.52 64.31
CA TRP A 138 -45.53 -38.56 62.88
C TRP A 138 -46.19 -37.26 62.44
N ALA A 139 -45.72 -36.70 61.33
CA ALA A 139 -46.31 -35.51 60.76
C ALA A 139 -46.02 -35.50 59.26
N ASN A 140 -46.90 -34.84 58.51
CA ASN A 140 -46.80 -34.76 57.06
C ASN A 140 -46.48 -33.32 56.66
N TYR A 141 -45.40 -33.14 55.89
CA TYR A 141 -44.96 -31.83 55.44
C TYR A 141 -44.73 -31.77 53.94
N SER A 142 -45.22 -32.75 53.18
CA SER A 142 -45.00 -32.75 51.74
C SER A 142 -45.63 -31.51 51.09
N GLU A 143 -46.81 -31.11 51.55
CA GLU A 143 -47.50 -29.99 50.93
C GLU A 143 -46.69 -28.70 51.07
N CYS A 144 -46.10 -28.46 52.25
CA CYS A 144 -45.31 -27.26 52.44
C CYS A 144 -44.05 -27.27 51.60
N VAL A 145 -43.42 -28.43 51.43
CA VAL A 145 -42.17 -28.55 50.69
C VAL A 145 -42.42 -28.98 49.24
N LYS A 146 -43.66 -28.88 48.77
CA LYS A 146 -43.98 -29.35 47.43
C LYS A 146 -43.24 -28.56 46.36
N PHE A 147 -43.15 -27.23 46.53
CA PHE A 147 -42.61 -26.34 45.49
C PHE A 147 -41.20 -25.87 45.83
N LEU A 148 -40.40 -26.73 46.45
CA LEU A 148 -38.98 -26.47 46.60
C LEU A 148 -38.23 -27.05 45.41
N THR A 149 -36.94 -26.75 45.33
CA THR A 149 -36.08 -27.22 44.25
C THR A 149 -34.83 -27.86 44.85
N ASN A 150 -34.36 -28.92 44.20
CA ASN A 150 -33.14 -29.58 44.66
C ASN A 150 -31.95 -28.65 44.49
N GLU A 151 -31.48 -28.08 45.60
CA GLU A 151 -30.36 -27.14 45.53
C GLU A 151 -29.11 -27.81 44.98
N THR A 152 -28.84 -29.04 45.42
CA THR A 152 -27.63 -29.73 45.00
C THR A 152 -27.62 -30.01 43.50
N ARG A 153 -28.78 -30.21 42.89
CA ARG A 153 -28.86 -30.46 41.46
C ARG A 153 -28.70 -29.17 40.66
N GLU A 154 -29.30 -28.08 41.14
CA GLU A 154 -29.14 -26.79 40.46
C GLU A 154 -27.70 -26.34 40.49
N ARG A 155 -27.01 -26.58 41.60
CA ARG A 155 -25.58 -26.28 41.68
C ARG A 155 -24.81 -27.09 40.66
N GLU A 156 -25.18 -28.37 40.50
CA GLU A 156 -24.50 -29.22 39.53
C GLU A 156 -24.69 -28.70 38.11
N VAL A 157 -25.92 -28.31 37.76
CA VAL A 157 -26.18 -27.79 36.42
C VAL A 157 -25.37 -26.52 36.17
N PHE A 158 -25.32 -25.63 37.15
CA PHE A 158 -24.55 -24.40 37.00
C PHE A 158 -23.08 -24.71 36.74
N ASP A 159 -22.54 -25.67 37.50
CA ASP A 159 -21.14 -26.04 37.31
C ASP A 159 -20.90 -26.61 35.91
N ARG A 160 -21.83 -27.42 35.42
CA ARG A 160 -21.69 -27.98 34.08
C ARG A 160 -21.67 -26.87 33.03
N LEU A 161 -22.56 -25.88 33.16
CA LEU A 161 -22.56 -24.75 32.23
C LEU A 161 -21.27 -23.97 32.33
N GLY A 162 -20.76 -23.79 33.55
CA GLY A 162 -19.52 -23.07 33.72
C GLY A 162 -18.37 -23.68 32.94
N MET A 163 -18.30 -25.01 32.93
CA MET A 163 -17.22 -25.69 32.23
C MET A 163 -17.43 -25.62 30.72
N ILE A 164 -18.69 -25.55 30.26
CA ILE A 164 -18.95 -25.53 28.82
C ILE A 164 -18.36 -24.28 28.19
N TYR A 165 -18.65 -23.11 28.74
CA TYR A 165 -18.16 -21.88 28.14
C TYR A 165 -16.68 -21.64 28.46
N THR A 166 -16.19 -22.14 29.60
CA THR A 166 -14.80 -21.95 29.94
C THR A 166 -13.89 -22.63 28.92
N VAL A 167 -14.28 -23.83 28.48
CA VAL A 167 -13.52 -24.50 27.43
C VAL A 167 -13.70 -23.80 26.10
N GLY A 168 -14.94 -23.44 25.76
CA GLY A 168 -15.21 -22.83 24.47
C GLY A 168 -14.54 -21.49 24.28
N TYR A 169 -14.65 -20.61 25.28
CA TYR A 169 -13.98 -19.31 25.18
C TYR A 169 -12.48 -19.45 25.26
N SER A 170 -11.97 -20.52 25.87
CA SER A 170 -10.53 -20.74 25.92
C SER A 170 -9.97 -21.02 24.53
N VAL A 171 -10.60 -21.91 23.78
CA VAL A 171 -10.14 -22.22 22.43
C VAL A 171 -10.43 -21.04 21.50
N SER A 172 -11.58 -20.39 21.68
CA SER A 172 -11.90 -19.23 20.85
C SER A 172 -10.89 -18.10 21.08
N LEU A 173 -10.50 -17.87 22.33
CA LEU A 173 -9.50 -16.85 22.62
C LEU A 173 -8.15 -17.23 22.03
N ALA A 174 -7.76 -18.50 22.14
CA ALA A 174 -6.46 -18.93 21.62
C ALA A 174 -6.40 -18.76 20.11
N SER A 175 -7.47 -19.14 19.40
CA SER A 175 -7.48 -19.06 17.95
C SER A 175 -7.50 -17.61 17.45
N LEU A 176 -8.30 -16.76 18.08
CA LEU A 176 -8.44 -15.39 17.59
C LEU A 176 -7.21 -14.54 17.90
N THR A 177 -6.46 -14.88 18.95
CA THR A 177 -5.20 -14.20 19.17
C THR A 177 -4.24 -14.43 18.00
N VAL A 178 -4.16 -15.67 17.52
CA VAL A 178 -3.36 -15.95 16.33
C VAL A 178 -3.93 -15.25 15.11
N ALA A 179 -5.26 -15.15 15.04
CA ALA A 179 -5.88 -14.54 13.87
C ALA A 179 -5.58 -13.05 13.79
N VAL A 180 -5.65 -12.34 14.91
CA VAL A 180 -5.40 -10.89 14.89
C VAL A 180 -3.95 -10.61 14.51
N LEU A 181 -3.01 -11.38 15.05
CA LEU A 181 -1.60 -11.14 14.77
C LEU A 181 -1.31 -11.33 13.27
N ILE A 182 -1.93 -12.33 12.66
CA ILE A 182 -1.71 -12.58 11.24
C ILE A 182 -2.20 -11.39 10.42
N LEU A 183 -3.40 -10.88 10.74
CA LEU A 183 -3.93 -9.73 10.01
C LEU A 183 -3.16 -8.45 10.27
N ALA A 184 -2.33 -8.41 11.31
CA ALA A 184 -1.53 -7.23 11.62
C ALA A 184 -0.10 -7.35 11.12
N TYR A 185 0.51 -8.54 11.22
CA TYR A 185 1.88 -8.74 10.77
C TYR A 185 2.04 -8.67 9.27
N PHE A 186 0.98 -8.89 8.50
CA PHE A 186 1.05 -8.90 7.05
C PHE A 186 0.42 -7.62 6.54
N ARG A 187 1.26 -6.70 6.04
CA ARG A 187 0.76 -5.46 5.47
C ARG A 187 0.05 -5.69 4.14
N ARG A 188 0.29 -6.83 3.49
CA ARG A 188 -0.47 -7.17 2.30
C ARG A 188 -1.95 -7.29 2.61
N LEU A 189 -2.29 -7.91 3.74
CA LEU A 189 -3.68 -8.11 4.15
C LEU A 189 -4.17 -6.93 5.00
N HIS A 190 -4.05 -5.72 4.47
CA HIS A 190 -4.44 -4.50 5.18
C HIS A 190 -5.45 -3.76 4.32
N CYS A 191 -6.72 -4.11 4.47
CA CYS A 191 -7.82 -3.46 3.78
C CYS A 191 -8.94 -3.21 4.78
N THR A 192 -9.94 -2.43 4.35
CA THR A 192 -11.07 -2.15 5.23
C THR A 192 -11.75 -3.42 5.71
N ARG A 193 -11.75 -4.47 4.90
CA ARG A 193 -12.35 -5.74 5.31
C ARG A 193 -11.57 -6.36 6.47
N ASN A 194 -10.24 -6.43 6.35
CA ASN A 194 -9.43 -7.02 7.40
C ASN A 194 -9.32 -6.13 8.62
N TYR A 195 -9.42 -4.81 8.45
CA TYR A 195 -9.48 -3.92 9.61
C TYR A 195 -10.77 -4.18 10.41
N ILE A 196 -11.89 -4.33 9.71
CA ILE A 196 -13.15 -4.68 10.38
C ILE A 196 -13.03 -6.04 11.04
N HIS A 197 -12.35 -6.98 10.39
CA HIS A 197 -12.15 -8.30 10.99
C HIS A 197 -11.34 -8.20 12.27
N MET A 198 -10.29 -7.37 12.26
CA MET A 198 -9.46 -7.22 13.46
C MET A 198 -10.27 -6.70 14.63
N HIS A 199 -11.12 -5.70 14.38
CA HIS A 199 -11.95 -5.15 15.45
C HIS A 199 -12.90 -6.21 15.99
N LEU A 200 -13.50 -7.02 15.10
CA LEU A 200 -14.35 -8.11 15.54
C LEU A 200 -13.56 -9.15 16.31
N PHE A 201 -12.37 -9.51 15.81
CA PHE A 201 -11.58 -10.51 16.51
C PHE A 201 -11.16 -10.03 17.89
N LEU A 202 -10.95 -8.72 18.05
CA LEU A 202 -10.60 -8.17 19.36
C LEU A 202 -11.80 -8.14 20.30
N SER A 203 -12.98 -7.80 19.77
CA SER A 203 -14.18 -7.82 20.61
C SER A 203 -14.47 -9.22 21.13
N PHE A 204 -14.21 -10.24 20.30
CA PHE A 204 -14.37 -11.62 20.76
C PHE A 204 -13.42 -11.92 21.91
N MET A 205 -12.15 -11.51 21.77
CA MET A 205 -11.16 -11.80 22.81
C MET A 205 -11.47 -11.04 24.09
N LEU A 206 -11.86 -9.77 23.98
CA LEU A 206 -12.18 -8.98 25.16
C LEU A 206 -13.39 -9.56 25.89
N ARG A 207 -14.41 -9.99 25.14
CA ARG A 207 -15.57 -10.60 25.77
C ARG A 207 -15.20 -11.88 26.50
N ALA A 208 -14.32 -12.69 25.90
CA ALA A 208 -13.85 -13.89 26.60
C ALA A 208 -13.09 -13.52 27.86
N VAL A 209 -12.22 -12.51 27.78
CA VAL A 209 -11.45 -12.11 28.95
C VAL A 209 -12.33 -11.49 30.01
N SER A 210 -13.36 -10.73 29.60
CA SER A 210 -14.24 -10.11 30.58
C SER A 210 -14.97 -11.18 31.40
N ILE A 211 -15.44 -12.24 30.73
CA ILE A 211 -16.12 -13.31 31.45
C ILE A 211 -15.19 -13.97 32.45
N PHE A 212 -13.93 -14.21 32.06
CA PHE A 212 -12.97 -14.77 32.99
C PHE A 212 -12.75 -13.84 34.19
N VAL A 213 -12.59 -12.54 33.93
CA VAL A 213 -12.36 -11.60 35.02
C VAL A 213 -13.58 -11.50 35.93
N LYS A 214 -14.76 -11.39 35.34
CA LYS A 214 -15.98 -11.34 36.14
C LYS A 214 -16.17 -12.63 36.93
N ASP A 215 -15.79 -13.77 36.34
CA ASP A 215 -15.88 -15.03 37.05
C ASP A 215 -14.93 -15.06 38.25
N ALA A 216 -13.71 -14.54 38.09
CA ALA A 216 -12.70 -14.63 39.13
C ALA A 216 -12.93 -13.63 40.26
N VAL A 217 -13.79 -12.65 40.08
CA VAL A 217 -14.08 -11.65 41.10
C VAL A 217 -15.40 -11.94 41.80
N LEU A 218 -16.48 -12.10 41.04
CA LEU A 218 -17.79 -12.32 41.64
C LEU A 218 -17.83 -13.62 42.44
N TYR A 219 -17.26 -14.69 41.88
CA TYR A 219 -17.33 -16.02 42.47
C TYR A 219 -15.93 -16.49 42.78
N SER A 220 -15.44 -16.12 43.97
CA SER A 220 -14.10 -16.50 44.40
C SER A 220 -13.83 -16.00 45.81
N TYR A 252 -18.55 -3.85 46.76
CA TYR A 252 -17.36 -3.01 46.67
C TYR A 252 -17.14 -2.54 45.24
N ALA A 253 -16.46 -1.39 45.08
CA ALA A 253 -16.18 -0.89 43.74
C ALA A 253 -15.28 -1.84 42.96
N GLY A 254 -14.49 -2.65 43.66
CA GLY A 254 -13.61 -3.58 42.95
C GLY A 254 -14.37 -4.57 42.09
N CYS A 255 -15.48 -5.08 42.59
CA CYS A 255 -16.31 -6.02 41.83
C CYS A 255 -17.34 -5.33 40.96
N ARG A 256 -17.72 -4.08 41.28
CA ARG A 256 -18.60 -3.33 40.41
C ARG A 256 -17.94 -2.99 39.08
N VAL A 257 -16.61 -2.98 39.03
CA VAL A 257 -15.90 -2.70 37.79
C VAL A 257 -15.85 -3.93 36.90
N ALA A 258 -15.61 -5.11 37.50
CA ALA A 258 -15.60 -6.33 36.72
C ALA A 258 -16.95 -6.59 36.06
N VAL A 259 -18.03 -6.36 36.80
CA VAL A 259 -19.36 -6.52 36.22
C VAL A 259 -19.60 -5.48 35.13
N THR A 260 -19.12 -4.26 35.33
CA THR A 260 -19.33 -3.21 34.34
C THR A 260 -18.57 -3.50 33.05
N PHE A 261 -17.33 -3.99 33.15
CA PHE A 261 -16.60 -4.38 31.95
C PHE A 261 -17.25 -5.57 31.27
N PHE A 262 -17.72 -6.55 32.04
CA PHE A 262 -18.37 -7.72 31.45
C PHE A 262 -19.58 -7.32 30.62
N LEU A 263 -20.43 -6.46 31.17
CA LEU A 263 -21.61 -6.02 30.43
C LEU A 263 -21.26 -5.12 29.26
N TYR A 264 -20.07 -4.54 29.25
CA TYR A 264 -19.64 -3.70 28.13
C TYR A 264 -18.94 -4.50 27.05
N PHE A 265 -17.87 -5.21 27.41
CA PHE A 265 -17.15 -6.01 26.41
C PHE A 265 -18.00 -7.15 25.88
N LEU A 266 -19.06 -7.54 26.57
CA LEU A 266 -20.04 -8.45 25.99
C LEU A 266 -20.87 -7.75 24.93
N ALA A 267 -21.33 -6.53 25.24
CA ALA A 267 -22.16 -5.79 24.28
C ALA A 267 -21.36 -5.41 23.04
N THR A 268 -20.06 -5.17 23.18
CA THR A 268 -19.24 -4.82 22.02
C THR A 268 -19.16 -5.99 21.04
N ASN A 269 -18.98 -7.21 21.55
CA ASN A 269 -18.91 -8.36 20.67
C ASN A 269 -20.20 -8.56 19.89
N TYR A 270 -21.34 -8.45 20.57
CA TYR A 270 -22.61 -8.57 19.86
C TYR A 270 -22.79 -7.48 18.83
N TYR A 271 -22.11 -6.34 19.00
CA TYR A 271 -22.25 -5.23 18.08
C TYR A 271 -21.19 -5.21 16.98
N TRP A 272 -20.01 -5.77 17.23
CA TRP A 272 -19.06 -5.97 16.15
C TRP A 272 -19.41 -7.17 15.29
N ILE A 273 -20.09 -8.17 15.86
CA ILE A 273 -20.72 -9.20 15.06
C ILE A 273 -21.73 -8.57 14.11
N LEU A 274 -22.47 -7.57 14.60
CA LEU A 274 -23.41 -6.86 13.75
C LEU A 274 -22.70 -6.06 12.66
N VAL A 275 -21.55 -5.49 12.97
CA VAL A 275 -20.81 -4.71 11.98
C VAL A 275 -20.32 -5.62 10.85
N GLU A 276 -19.92 -6.85 11.18
CA GLU A 276 -19.52 -7.79 10.15
C GLU A 276 -20.65 -8.05 9.16
N GLY A 277 -21.85 -8.26 9.69
CA GLY A 277 -23.00 -8.46 8.80
C GLY A 277 -23.37 -7.20 8.04
N LEU A 278 -23.29 -6.05 8.71
CA LEU A 278 -23.60 -4.79 8.04
C LEU A 278 -22.56 -4.48 6.96
N TYR A 279 -21.29 -4.79 7.22
CA TYR A 279 -20.26 -4.55 6.22
C TYR A 279 -20.47 -5.44 5.00
N LEU A 280 -20.69 -6.73 5.21
CA LEU A 280 -20.90 -7.63 4.08
C LEU A 280 -22.21 -7.33 3.37
N HIS A 281 -23.21 -6.82 4.10
CA HIS A 281 -24.45 -6.42 3.46
C HIS A 281 -24.21 -5.28 2.47
N SER A 282 -23.56 -4.21 2.91
CA SER A 282 -23.23 -3.12 2.02
C SER A 282 -22.22 -3.55 0.96
N LEU A 283 -21.32 -4.47 1.31
CA LEU A 283 -20.37 -5.02 0.36
C LEU A 283 -21.04 -5.86 -0.72
N ILE A 284 -22.32 -6.18 -0.56
CA ILE A 284 -23.06 -6.92 -1.57
C ILE A 284 -24.25 -6.15 -2.13
N PHE A 285 -24.82 -5.19 -1.40
CA PHE A 285 -26.01 -4.48 -1.85
C PHE A 285 -25.77 -3.01 -2.17
N MET A 286 -24.59 -2.48 -1.88
CA MET A 286 -24.25 -1.10 -2.19
C MET A 286 -23.21 -1.09 -3.30
N ALA A 287 -23.50 -0.39 -4.39
CA ALA A 287 -22.64 -0.40 -5.57
C ALA A 287 -21.43 0.50 -5.33
N PHE A 288 -20.25 -0.11 -5.30
CA PHE A 288 -18.99 0.62 -5.15
C PHE A 288 -19.06 1.58 -3.96
N PHE A 289 -19.59 1.09 -2.85
CA PHE A 289 -19.75 1.92 -1.67
C PHE A 289 -18.39 2.34 -1.12
N SER A 290 -18.33 3.56 -0.62
CA SER A 290 -17.08 4.06 -0.03
C SER A 290 -16.71 3.22 1.18
N GLU A 291 -15.43 2.82 1.25
CA GLU A 291 -14.94 1.93 2.29
C GLU A 291 -14.19 2.64 3.39
N LYS A 292 -13.34 3.61 3.07
CA LYS A 292 -12.59 4.32 4.11
C LYS A 292 -13.50 5.16 4.98
N LYS A 293 -14.54 5.77 4.38
CA LYS A 293 -15.44 6.61 5.17
C LYS A 293 -16.21 5.79 6.19
N TYR A 294 -16.69 4.62 5.79
CA TYR A 294 -17.50 3.81 6.71
C TYR A 294 -16.66 3.22 7.83
N LEU A 295 -15.35 3.05 7.62
CA LEU A 295 -14.50 2.51 8.67
C LEU A 295 -14.54 3.38 9.92
N TRP A 296 -14.76 4.69 9.77
CA TRP A 296 -14.85 5.55 10.95
C TRP A 296 -16.13 5.26 11.73
N GLY A 297 -17.27 5.21 11.04
CA GLY A 297 -18.53 4.99 11.72
C GLY A 297 -18.61 3.62 12.36
N PHE A 298 -18.10 2.60 11.69
CA PHE A 298 -18.14 1.25 12.25
C PHE A 298 -17.33 1.17 13.53
N THR A 299 -16.16 1.80 13.57
CA THR A 299 -15.34 1.75 14.78
C THR A 299 -15.97 2.52 15.94
N VAL A 300 -16.58 3.67 15.66
CA VAL A 300 -17.25 4.42 16.70
C VAL A 300 -18.52 3.70 17.14
N PHE A 301 -19.27 3.17 16.19
CA PHE A 301 -20.48 2.42 16.50
C PHE A 301 -20.18 1.12 17.25
N GLY A 302 -19.10 0.43 16.87
CA GLY A 302 -18.80 -0.86 17.47
C GLY A 302 -18.30 -0.78 18.90
N TRP A 303 -17.49 0.23 19.22
CA TRP A 303 -16.95 0.38 20.56
C TRP A 303 -17.66 1.45 21.39
N GLY A 304 -18.22 2.47 20.75
CA GLY A 304 -18.79 3.58 21.47
C GLY A 304 -20.22 3.34 21.92
N LEU A 305 -21.09 2.97 20.99
CA LEU A 305 -22.49 2.77 21.34
C LEU A 305 -22.66 1.77 22.48
N PRO A 306 -21.91 0.66 22.55
CA PRO A 306 -22.00 -0.21 23.73
C PRO A 306 -21.76 0.54 25.03
N ALA A 307 -20.85 1.51 25.04
CA ALA A 307 -20.58 2.27 26.26
C ALA A 307 -21.74 3.18 26.63
N VAL A 308 -22.54 3.61 25.64
CA VAL A 308 -23.58 4.60 25.90
C VAL A 308 -24.62 4.04 26.87
N PHE A 309 -25.14 2.84 26.58
CA PHE A 309 -26.15 2.24 27.45
C PHE A 309 -25.55 1.40 28.57
N VAL A 310 -24.24 1.16 28.56
CA VAL A 310 -23.60 0.60 29.74
C VAL A 310 -23.32 1.68 30.76
N ALA A 311 -22.87 2.86 30.30
CA ALA A 311 -22.73 3.99 31.20
C ALA A 311 -24.05 4.38 31.82
N VAL A 312 -25.15 4.28 31.05
CA VAL A 312 -26.47 4.49 31.62
C VAL A 312 -26.74 3.48 32.73
N TRP A 313 -26.31 2.24 32.53
CA TRP A 313 -26.52 1.22 33.56
C TRP A 313 -25.80 1.58 34.85
N VAL A 314 -24.55 2.03 34.75
CA VAL A 314 -23.79 2.36 35.94
C VAL A 314 -24.44 3.50 36.71
N SER A 315 -24.91 4.51 35.99
CA SER A 315 -25.54 5.66 36.65
C SER A 315 -26.79 5.24 37.41
N VAL A 316 -27.62 4.39 36.80
CA VAL A 316 -28.86 3.98 37.46
C VAL A 316 -28.57 3.07 38.64
N ARG A 317 -27.63 2.14 38.47
CA ARG A 317 -27.29 1.25 39.59
C ARG A 317 -26.71 2.02 40.76
N ALA A 318 -25.87 3.02 40.48
CA ALA A 318 -25.25 3.81 41.54
C ALA A 318 -26.23 4.76 42.21
N THR A 319 -27.31 5.14 41.53
CA THR A 319 -28.25 6.12 42.06
C THR A 319 -29.52 5.49 42.65
N LEU A 320 -29.88 4.28 42.22
CA LEU A 320 -31.10 3.65 42.69
C LEU A 320 -30.91 2.26 43.28
N ALA A 321 -29.86 1.53 42.90
CA ALA A 321 -29.69 0.15 43.33
C ALA A 321 -28.24 -0.12 43.68
N ASN A 322 -27.61 0.80 44.40
CA ASN A 322 -26.20 0.66 44.77
C ASN A 322 -26.10 -0.34 45.91
N THR A 323 -26.12 -1.62 45.55
CA THR A 323 -26.04 -2.69 46.54
C THR A 323 -25.25 -3.85 45.94
N GLY A 324 -24.41 -4.47 46.77
CA GLY A 324 -23.64 -5.60 46.32
C GLY A 324 -22.71 -5.22 45.18
N CYS A 325 -22.43 -6.21 44.33
CA CYS A 325 -21.56 -6.03 43.18
C CYS A 325 -22.34 -5.75 41.89
N TRP A 326 -23.65 -5.50 42.00
CA TRP A 326 -24.52 -5.27 40.85
C TRP A 326 -24.70 -6.53 40.00
N ASP A 327 -24.24 -7.67 40.51
CA ASP A 327 -24.36 -8.94 39.81
C ASP A 327 -25.71 -9.59 39.98
N LEU A 328 -26.59 -9.00 40.78
CA LEU A 328 -27.95 -9.51 41.00
C LEU A 328 -28.93 -8.57 40.31
N SER A 329 -29.86 -9.15 39.55
CA SER A 329 -30.86 -8.34 38.87
C SER A 329 -31.61 -7.48 39.89
N SER A 330 -31.88 -6.23 39.51
CA SER A 330 -32.59 -5.31 40.38
C SER A 330 -33.92 -4.90 39.76
N GLY A 331 -34.63 -5.86 39.20
CA GLY A 331 -35.92 -5.58 38.57
C GLY A 331 -35.76 -5.46 37.07
N ASN A 332 -36.44 -4.46 36.49
CA ASN A 332 -36.37 -4.22 35.06
C ASN A 332 -35.15 -3.41 34.65
N LYS A 333 -34.13 -3.34 35.52
CA LYS A 333 -32.90 -2.65 35.18
C LYS A 333 -32.05 -3.46 34.20
N LYS A 334 -32.23 -4.78 34.17
CA LYS A 334 -31.40 -5.62 33.31
C LYS A 334 -31.69 -5.35 31.84
N TRP A 335 -32.90 -4.89 31.52
CA TRP A 335 -33.28 -4.69 30.12
C TRP A 335 -32.56 -3.51 29.48
N ILE A 336 -31.96 -2.62 30.26
CA ILE A 336 -31.19 -1.53 29.68
C ILE A 336 -29.99 -2.06 28.92
N ILE A 337 -29.38 -3.13 29.41
CA ILE A 337 -28.25 -3.76 28.74
C ILE A 337 -28.70 -4.81 27.74
N GLN A 338 -29.70 -5.62 28.10
CA GLN A 338 -30.07 -6.75 27.29
C GLN A 338 -30.82 -6.33 26.03
N VAL A 339 -31.75 -5.37 26.15
CA VAL A 339 -32.57 -5.00 24.99
C VAL A 339 -31.72 -4.55 23.81
N PRO A 340 -30.71 -3.69 23.98
CA PRO A 340 -29.83 -3.38 22.84
C PRO A 340 -29.13 -4.60 22.26
N ILE A 341 -28.72 -5.55 23.10
CA ILE A 341 -28.08 -6.76 22.59
C ILE A 341 -29.08 -7.61 21.82
N LEU A 342 -30.30 -7.73 22.34
CA LEU A 342 -31.32 -8.52 21.64
C LEU A 342 -31.70 -7.86 20.31
N ALA A 343 -31.57 -6.55 20.20
CA ALA A 343 -31.79 -5.89 18.92
C ALA A 343 -30.70 -6.26 17.93
N SER A 344 -29.46 -6.40 18.41
CA SER A 344 -28.37 -6.78 17.53
C SER A 344 -28.59 -8.16 16.93
N ILE A 345 -29.10 -9.09 17.73
CA ILE A 345 -29.31 -10.46 17.26
C ILE A 345 -30.37 -10.49 16.17
N VAL A 346 -31.48 -9.79 16.37
CA VAL A 346 -32.55 -9.80 15.39
C VAL A 346 -32.08 -9.20 14.07
N LEU A 347 -31.40 -8.06 14.14
CA LEU A 347 -30.95 -7.39 12.91
C LEU A 347 -29.96 -8.25 12.16
N ASN A 348 -29.03 -8.89 12.86
CA ASN A 348 -28.06 -9.76 12.18
C ASN A 348 -28.76 -10.93 11.50
N PHE A 349 -29.80 -11.48 12.13
CA PHE A 349 -30.58 -12.53 11.49
C PHE A 349 -31.26 -12.02 10.23
N ILE A 350 -31.80 -10.81 10.27
CA ILE A 350 -32.48 -10.25 9.10
C ILE A 350 -31.51 -10.14 7.93
N LEU A 351 -30.31 -9.65 8.19
CA LEU A 351 -29.30 -9.56 7.13
C LEU A 351 -28.89 -10.94 6.63
N PHE A 352 -28.77 -11.91 7.54
CA PHE A 352 -28.33 -13.24 7.14
C PHE A 352 -29.28 -13.87 6.13
N ILE A 353 -30.58 -13.68 6.32
CA ILE A 353 -31.56 -14.20 5.36
C ILE A 353 -31.35 -13.56 3.99
N ASN A 354 -31.12 -12.25 3.97
CA ASN A 354 -30.95 -11.55 2.69
C ASN A 354 -29.76 -12.11 1.92
N ILE A 355 -28.63 -12.31 2.61
CA ILE A 355 -27.44 -12.78 1.93
C ILE A 355 -27.66 -14.18 1.39
N VAL A 356 -28.21 -15.07 2.21
CA VAL A 356 -28.47 -16.44 1.76
C VAL A 356 -29.53 -16.44 0.67
N ARG A 357 -30.51 -15.53 0.77
CA ARG A 357 -31.55 -15.43 -0.26
C ARG A 357 -30.94 -15.07 -1.61
N VAL A 358 -30.02 -14.10 -1.62
CA VAL A 358 -29.39 -13.70 -2.87
C VAL A 358 -28.48 -14.81 -3.38
N LEU A 359 -27.70 -15.43 -2.49
CA LEU A 359 -26.84 -16.53 -2.90
C LEU A 359 -27.63 -17.67 -3.53
N ALA A 360 -28.87 -17.88 -3.09
CA ALA A 360 -29.72 -18.88 -3.72
C ALA A 360 -30.14 -18.45 -5.12
N THR A 361 -30.45 -17.17 -5.31
CA THR A 361 -30.86 -16.70 -6.63
C THR A 361 -29.75 -16.87 -7.66
N LYS A 362 -28.52 -16.53 -7.28
CA LYS A 362 -27.41 -16.58 -8.24
C LYS A 362 -27.15 -18.01 -8.70
N LEU A 363 -27.17 -18.96 -7.77
CA LEU A 363 -26.94 -20.35 -8.14
C LEU A 363 -28.07 -20.91 -9.00
N ARG A 364 -29.22 -20.25 -9.02
CA ARG A 364 -30.35 -20.68 -9.85
C ARG A 364 -30.31 -20.04 -11.23
N GLU A 365 -29.85 -18.80 -11.32
CA GLU A 365 -29.76 -18.08 -12.59
C GLU A 365 -28.36 -18.13 -13.19
N THR A 366 -27.60 -19.20 -12.93
CA THR A 366 -26.26 -19.33 -13.47
C THR A 366 -26.28 -19.37 -14.99
N THR A 373 -31.47 -30.94 -8.79
CA THR A 373 -30.04 -30.77 -8.98
C THR A 373 -29.31 -30.67 -7.64
N ARG A 374 -28.83 -31.82 -7.16
CA ARG A 374 -28.14 -31.84 -5.86
C ARG A 374 -26.82 -31.08 -5.91
N GLN A 375 -26.23 -30.93 -7.09
CA GLN A 375 -24.96 -30.21 -7.19
C GLN A 375 -25.11 -28.73 -6.88
N GLN A 376 -26.32 -28.18 -7.01
CA GLN A 376 -26.57 -26.78 -6.67
C GLN A 376 -26.96 -26.60 -5.22
N TYR A 377 -27.61 -27.60 -4.62
CA TYR A 377 -27.99 -27.52 -3.22
C TYR A 377 -26.78 -27.66 -2.29
N ARG A 378 -25.77 -28.42 -2.71
CA ARG A 378 -24.58 -28.56 -1.88
C ARG A 378 -23.83 -27.24 -1.77
N LYS A 379 -23.78 -26.47 -2.87
CA LYS A 379 -23.10 -25.18 -2.83
C LYS A 379 -23.82 -24.20 -1.92
N LEU A 380 -25.15 -24.12 -2.03
CA LEU A 380 -25.90 -23.23 -1.15
C LEU A 380 -25.78 -23.65 0.30
N LEU A 381 -25.79 -24.95 0.58
CA LEU A 381 -25.59 -25.41 1.95
C LEU A 381 -24.22 -24.99 2.47
N LYS A 382 -23.18 -25.15 1.66
CA LYS A 382 -21.84 -24.78 2.12
C LYS A 382 -21.76 -23.30 2.42
N SER A 383 -22.32 -22.46 1.55
CA SER A 383 -22.27 -21.01 1.79
C SER A 383 -23.00 -20.64 3.08
N THR A 384 -24.17 -21.24 3.31
CA THR A 384 -24.93 -20.92 4.50
C THR A 384 -24.18 -21.31 5.77
N LEU A 385 -23.53 -22.48 5.76
CA LEU A 385 -22.88 -22.97 6.97
C LEU A 385 -21.67 -22.12 7.33
N VAL A 386 -20.84 -21.78 6.35
CA VAL A 386 -19.67 -20.95 6.63
C VAL A 386 -20.07 -19.55 7.06
N LEU A 387 -21.21 -19.07 6.60
CA LEU A 387 -21.64 -17.71 6.83
C LEU A 387 -22.47 -17.55 8.10
N MET A 388 -22.75 -18.64 8.82
CA MET A 388 -23.56 -18.58 10.02
C MET A 388 -22.74 -18.12 11.22
N PRO A 389 -21.55 -18.68 11.45
CA PRO A 389 -20.75 -18.24 12.60
C PRO A 389 -20.45 -16.76 12.59
N LEU A 390 -20.24 -16.17 11.41
CA LEU A 390 -19.97 -14.74 11.35
C LEU A 390 -21.19 -13.92 11.79
N PHE A 391 -22.38 -14.38 11.46
CA PHE A 391 -23.60 -13.64 11.75
C PHE A 391 -24.24 -14.00 13.09
N GLY A 392 -23.69 -14.98 13.80
CA GLY A 392 -24.28 -15.40 15.05
C GLY A 392 -25.73 -15.83 14.90
N VAL A 393 -26.00 -16.64 13.87
CA VAL A 393 -27.38 -17.02 13.58
C VAL A 393 -27.97 -17.85 14.71
N HIS A 394 -27.12 -18.59 15.43
CA HIS A 394 -27.62 -19.44 16.51
C HIS A 394 -28.29 -18.64 17.62
N TYR A 395 -28.01 -17.34 17.72
CA TYR A 395 -28.57 -16.52 18.78
C TYR A 395 -30.09 -16.36 18.64
N ILE A 396 -30.64 -16.53 17.44
CA ILE A 396 -32.04 -16.23 17.22
C ILE A 396 -32.96 -17.25 17.89
N VAL A 397 -32.45 -18.44 18.21
CA VAL A 397 -33.32 -19.50 18.72
C VAL A 397 -33.92 -19.09 20.07
N PHE A 398 -33.08 -18.63 21.00
CA PHE A 398 -33.50 -18.39 22.37
C PHE A 398 -33.44 -16.91 22.75
N MET A 399 -33.38 -16.01 21.76
CA MET A 399 -33.28 -14.59 22.08
C MET A 399 -34.49 -14.09 22.86
N ALA A 400 -35.67 -14.64 22.60
CA ALA A 400 -36.90 -14.20 23.22
C ALA A 400 -37.24 -14.96 24.50
N THR A 401 -36.38 -15.89 24.92
CA THR A 401 -36.69 -16.72 26.06
C THR A 401 -36.76 -15.87 27.33
N PRO A 402 -37.90 -15.86 28.05
CA PRO A 402 -37.95 -15.11 29.31
C PRO A 402 -37.13 -15.76 30.41
N TYR A 403 -37.18 -15.19 31.61
CA TYR A 403 -36.50 -15.77 32.77
C TYR A 403 -37.36 -16.89 33.34
N THR A 404 -36.90 -18.12 33.19
CA THR A 404 -37.67 -19.29 33.57
C THR A 404 -37.00 -20.02 34.72
N GLU A 405 -37.75 -20.95 35.32
CA GLU A 405 -37.23 -21.70 36.46
C GLU A 405 -35.98 -22.47 36.07
N VAL A 406 -34.98 -22.43 36.96
CA VAL A 406 -33.71 -23.09 36.66
C VAL A 406 -33.90 -24.60 36.51
N SER A 407 -34.92 -25.16 37.17
CA SER A 407 -35.17 -26.60 37.09
C SER A 407 -36.10 -26.96 35.94
N GLY A 408 -36.62 -25.99 35.20
CA GLY A 408 -37.48 -26.28 34.09
C GLY A 408 -36.72 -26.86 32.90
N THR A 409 -37.48 -27.44 31.96
CA THR A 409 -36.86 -28.02 30.78
C THR A 409 -36.44 -26.94 29.78
N LEU A 410 -37.21 -25.87 29.66
CA LEU A 410 -36.83 -24.78 28.75
C LEU A 410 -35.52 -24.15 29.17
N TRP A 411 -35.33 -23.95 30.48
CA TRP A 411 -34.08 -23.37 30.96
C TRP A 411 -32.90 -24.27 30.64
N GLN A 412 -33.05 -25.58 30.84
CA GLN A 412 -31.93 -26.49 30.66
C GLN A 412 -31.47 -26.54 29.21
N VAL A 413 -32.42 -26.58 28.28
CA VAL A 413 -32.06 -26.60 26.87
C VAL A 413 -31.40 -25.29 26.46
N GLN A 414 -31.94 -24.17 26.93
CA GLN A 414 -31.40 -22.86 26.56
C GLN A 414 -29.93 -22.73 26.98
N MET A 415 -29.64 -23.00 28.25
CA MET A 415 -28.31 -22.72 28.78
C MET A 415 -27.28 -23.66 28.19
N HIS A 416 -27.61 -24.95 28.07
CA HIS A 416 -26.67 -25.88 27.46
C HIS A 416 -26.45 -25.56 25.99
N TYR A 417 -27.51 -25.17 25.27
CA TYR A 417 -27.38 -24.82 23.86
C TYR A 417 -26.54 -23.56 23.69
N GLU A 418 -26.88 -22.50 24.44
CA GLU A 418 -26.24 -21.21 24.20
C GLU A 418 -24.81 -21.19 24.74
N MET A 419 -24.57 -21.75 25.91
CA MET A 419 -23.23 -21.73 26.48
C MET A 419 -22.24 -22.49 25.60
N LEU A 420 -22.72 -23.37 24.73
CA LEU A 420 -21.83 -24.13 23.85
C LEU A 420 -21.58 -23.40 22.53
N PHE A 421 -22.62 -22.82 21.94
CA PHE A 421 -22.47 -22.12 20.68
C PHE A 421 -22.09 -20.65 20.83
N ASN A 422 -22.31 -20.06 22.00
CA ASN A 422 -21.78 -18.71 22.24
C ASN A 422 -20.28 -18.74 22.47
N SER A 423 -19.80 -19.73 23.22
CA SER A 423 -18.37 -19.78 23.55
C SER A 423 -17.53 -20.24 22.38
N PHE A 424 -18.08 -21.05 21.47
CA PHE A 424 -17.33 -21.58 20.35
C PHE A 424 -17.48 -20.75 19.08
N GLN A 425 -18.27 -19.67 19.10
CA GLN A 425 -18.41 -18.83 17.92
C GLN A 425 -17.08 -18.21 17.52
N GLY A 426 -16.28 -17.78 18.50
CA GLY A 426 -14.98 -17.21 18.19
C GLY A 426 -14.07 -18.20 17.49
N PHE A 427 -14.16 -19.48 17.86
CA PHE A 427 -13.36 -20.51 17.21
C PHE A 427 -13.72 -20.61 15.73
N PHE A 428 -15.02 -20.65 15.41
CA PHE A 428 -15.44 -20.79 14.02
C PHE A 428 -15.06 -19.56 13.20
N VAL A 429 -15.29 -18.37 13.75
CA VAL A 429 -15.01 -17.15 13.01
C VAL A 429 -13.52 -17.04 12.70
N ALA A 430 -12.67 -17.46 13.63
CA ALA A 430 -11.23 -17.39 13.42
C ALA A 430 -10.76 -18.31 12.30
N ILE A 431 -11.44 -19.43 12.09
CA ILE A 431 -11.04 -20.40 11.08
C ILE A 431 -11.63 -20.08 9.71
N ILE A 432 -12.94 -19.83 9.65
CA ILE A 432 -13.59 -19.62 8.36
C ILE A 432 -13.10 -18.35 7.71
N TYR A 433 -12.87 -17.29 8.48
CA TYR A 433 -12.63 -15.97 7.92
C TYR A 433 -11.20 -15.47 8.06
N CYS A 434 -10.32 -16.20 8.73
CA CYS A 434 -8.90 -15.90 8.70
C CYS A 434 -8.09 -17.04 8.10
N PHE A 435 -8.19 -18.25 8.64
CA PHE A 435 -7.37 -19.36 8.17
C PHE A 435 -7.86 -19.95 6.85
N CYS A 436 -9.15 -19.83 6.56
CA CYS A 436 -9.71 -20.34 5.31
C CYS A 436 -9.77 -19.29 4.21
N ASN A 437 -9.32 -18.06 4.48
CA ASN A 437 -9.24 -17.06 3.45
C ASN A 437 -8.11 -17.38 2.48
N GLY A 438 -8.37 -17.22 1.18
CA GLY A 438 -7.36 -17.52 0.20
C GLY A 438 -6.14 -16.63 0.32
N GLU A 439 -6.36 -15.32 0.48
CA GLU A 439 -5.23 -14.39 0.57
C GLU A 439 -4.40 -14.64 1.82
N VAL A 440 -5.05 -15.00 2.94
CA VAL A 440 -4.31 -15.29 4.15
C VAL A 440 -3.40 -16.48 3.94
N GLN A 441 -3.91 -17.55 3.31
CA GLN A 441 -3.10 -18.73 3.07
C GLN A 441 -1.93 -18.42 2.15
N ALA A 442 -2.17 -17.59 1.12
CA ALA A 442 -1.08 -17.22 0.21
C ALA A 442 0.04 -16.53 0.96
N GLU A 443 -0.29 -15.61 1.88
CA GLU A 443 0.74 -14.93 2.65
C GLU A 443 1.52 -15.91 3.52
N ILE A 444 0.84 -16.86 4.16
CA ILE A 444 1.55 -17.86 4.94
C ILE A 444 2.46 -18.68 4.05
N LYS A 445 1.95 -19.12 2.89
CA LYS A 445 2.79 -19.88 1.96
C LYS A 445 3.94 -19.03 1.44
N LYS A 446 3.66 -17.78 1.07
CA LYS A 446 4.74 -16.89 0.64
C LYS A 446 5.71 -16.63 1.79
N SER A 447 5.19 -16.40 2.99
CA SER A 447 6.07 -16.22 4.14
C SER A 447 6.85 -17.49 4.43
N TRP A 448 6.20 -18.65 4.32
CA TRP A 448 6.90 -19.91 4.51
C TRP A 448 7.95 -20.11 3.41
N SER A 449 7.60 -19.77 2.17
CA SER A 449 8.56 -19.89 1.07
C SER A 449 9.76 -18.99 1.30
N ARG A 450 9.54 -17.75 1.74
CA ARG A 450 10.65 -16.85 2.04
C ARG A 450 11.52 -17.42 3.14
N TRP A 451 10.91 -17.95 4.20
CA TRP A 451 11.68 -18.60 5.25
C TRP A 451 12.37 -19.85 4.73
N THR A 452 11.71 -20.58 3.82
CA THR A 452 12.34 -21.75 3.21
C THR A 452 13.59 -21.35 2.42
N LEU A 453 13.51 -20.22 1.69
CA LEU A 453 14.69 -19.73 1.00
C LEU A 453 15.82 -19.41 1.96
N ALA A 454 15.48 -18.84 3.13
CA ALA A 454 16.50 -18.58 4.14
C ALA A 454 17.15 -19.88 4.59
N LEU A 455 16.36 -20.94 4.76
CA LEU A 455 16.92 -22.24 5.07
C LEU A 455 17.77 -22.79 3.92
N ASP A 456 17.59 -22.27 2.70
CA ASP A 456 18.35 -22.73 1.56
C ASP A 456 19.81 -22.30 1.61
N PHE A 457 20.18 -21.43 2.54
CA PHE A 457 21.55 -20.98 2.68
C PHE A 457 22.51 -22.17 2.73
N SER B 1 -33.60 -13.30 25.91
CA SER B 1 -32.70 -13.04 27.06
C SER B 1 -31.26 -13.42 26.73
N VAL B 2 -30.32 -12.54 27.05
CA VAL B 2 -28.91 -12.80 26.83
C VAL B 2 -28.47 -13.86 27.83
N SER B 3 -28.25 -15.08 27.34
CA SER B 3 -28.04 -16.22 28.24
C SER B 3 -26.91 -15.95 29.22
N GLU B 4 -25.85 -15.26 28.77
CA GLU B 4 -24.72 -15.02 29.65
C GLU B 4 -25.09 -14.07 30.78
N ILE B 5 -25.90 -13.04 30.50
CA ILE B 5 -26.35 -12.16 31.56
C ILE B 5 -27.35 -12.87 32.46
N GLN B 6 -28.24 -13.67 31.88
CA GLN B 6 -29.19 -14.42 32.68
C GLN B 6 -28.49 -15.42 33.59
N LEU B 7 -27.43 -16.05 33.11
CA LEU B 7 -26.73 -17.03 33.94
C LEU B 7 -26.01 -16.36 35.09
N MET B 8 -25.62 -15.09 34.94
CA MET B 8 -25.03 -14.37 36.06
C MET B 8 -26.11 -13.96 37.05
N HIS B 9 -27.29 -13.59 36.56
CA HIS B 9 -28.38 -13.20 37.46
C HIS B 9 -28.99 -14.41 38.16
N ASN B 10 -28.81 -15.61 37.60
CA ASN B 10 -29.32 -16.82 38.22
C ASN B 10 -28.31 -17.42 39.19
N LEU B 11 -27.04 -17.50 38.79
CA LEU B 11 -26.03 -18.04 39.68
C LEU B 11 -25.85 -17.15 40.91
N GLY B 12 -26.03 -15.84 40.75
CA GLY B 12 -25.99 -14.94 41.89
C GLY B 12 -27.14 -15.18 42.85
N LYS B 13 -28.35 -15.33 42.30
CA LYS B 13 -29.51 -15.58 43.15
C LYS B 13 -29.36 -16.90 43.90
N HIS B 14 -28.85 -17.94 43.23
CA HIS B 14 -28.73 -19.24 43.88
C HIS B 14 -27.70 -19.19 45.00
N LEU B 15 -26.54 -18.59 44.74
CA LEU B 15 -25.52 -18.45 45.78
C LEU B 15 -25.94 -17.47 46.85
N ASN B 16 -26.77 -16.49 46.52
CA ASN B 16 -27.24 -15.52 47.51
C ASN B 16 -28.26 -16.15 48.45
N SER B 17 -29.20 -16.91 47.91
CA SER B 17 -30.21 -17.60 48.71
C SER B 17 -29.69 -18.90 49.31
N MET B 18 -28.42 -19.24 49.10
CA MET B 18 -27.89 -20.49 49.63
C MET B 18 -27.97 -20.52 51.15
N GLU B 19 -27.73 -19.38 51.80
CA GLU B 19 -27.74 -19.31 53.26
C GLU B 19 -29.08 -19.75 53.82
N ARG B 20 -30.18 -19.16 53.32
CA ARG B 20 -31.51 -19.54 53.80
C ARG B 20 -31.80 -21.01 53.52
N VAL B 21 -31.47 -21.48 52.32
CA VAL B 21 -31.82 -22.83 51.92
C VAL B 21 -31.15 -23.86 52.83
N GLU B 22 -29.85 -23.69 53.08
CA GLU B 22 -29.14 -24.65 53.92
C GLU B 22 -29.71 -24.66 55.33
N TRP B 23 -30.08 -23.48 55.85
CA TRP B 23 -30.68 -23.40 57.17
C TRP B 23 -32.01 -24.14 57.22
N LEU B 24 -32.83 -23.98 56.19
CA LEU B 24 -34.17 -24.57 56.21
C LEU B 24 -34.10 -26.08 56.05
N ARG B 25 -33.19 -26.58 55.22
CA ARG B 25 -33.07 -28.02 55.04
C ARG B 25 -32.79 -28.72 56.36
N LYS B 26 -31.87 -28.17 57.15
CA LYS B 26 -31.55 -28.77 58.45
C LYS B 26 -32.75 -28.72 59.38
N LYS B 27 -33.48 -27.60 59.36
CA LYS B 27 -34.66 -27.48 60.22
C LYS B 27 -35.76 -28.43 59.78
N LEU B 28 -36.04 -28.48 58.47
CA LEU B 28 -37.02 -29.45 57.96
C LEU B 28 -36.59 -30.87 58.29
N GLN B 29 -35.27 -31.13 58.30
CA GLN B 29 -34.78 -32.45 58.66
C GLN B 29 -35.14 -32.78 60.10
N ASP B 30 -35.03 -31.79 61.00
CA ASP B 30 -35.35 -32.03 62.40
C ASP B 30 -36.85 -32.10 62.66
N VAL B 31 -37.67 -31.44 61.85
CA VAL B 31 -39.11 -31.51 62.04
C VAL B 31 -39.60 -32.94 61.87
N HIS B 32 -39.17 -33.60 60.80
CA HIS B 32 -39.52 -35.00 60.59
C HIS B 32 -38.94 -35.87 61.71
N ASN B 33 -37.73 -35.58 62.15
CA ASN B 33 -37.10 -36.30 63.24
C ASN B 33 -37.93 -36.18 64.52
N PHE B 34 -38.69 -35.10 64.63
CA PHE B 34 -39.55 -34.86 65.82
C PHE B 34 -40.81 -35.65 65.64
N VAL C 4 20.99 17.84 13.01
CA VAL C 4 21.25 18.09 11.56
C VAL C 4 21.41 19.58 11.30
N SER C 5 21.86 19.92 10.10
CA SER C 5 22.07 21.31 9.73
C SER C 5 20.74 22.00 9.46
N ALA C 6 20.77 23.34 9.47
CA ALA C 6 19.59 24.10 9.10
C ALA C 6 19.20 23.84 7.65
N GLU C 7 20.20 23.72 6.77
CA GLU C 7 19.93 23.39 5.37
C GLU C 7 19.22 22.04 5.27
N ASP C 8 19.68 21.05 6.03
CA ASP C 8 19.04 19.74 6.00
C ASP C 8 17.66 19.77 6.64
N LYS C 9 17.44 20.61 7.64
CA LYS C 9 16.10 20.77 8.20
C LYS C 9 15.15 21.33 7.15
N ALA C 10 15.61 22.34 6.39
CA ALA C 10 14.78 22.88 5.32
C ALA C 10 14.55 21.85 4.22
N ALA C 11 15.57 21.04 3.91
CA ALA C 11 15.40 19.98 2.91
C ALA C 11 14.36 18.95 3.37
N ALA C 12 14.42 18.55 4.64
CA ALA C 12 13.43 17.62 5.17
C ALA C 12 12.03 18.23 5.16
N GLU C 13 11.93 19.52 5.47
CA GLU C 13 10.64 20.20 5.38
C GLU C 13 10.10 20.16 3.95
N ARG C 14 10.97 20.41 2.97
CA ARG C 14 10.56 20.35 1.56
C ARG C 14 10.10 18.94 1.20
N SER C 15 10.83 17.93 1.67
CA SER C 15 10.44 16.55 1.41
C SER C 15 9.08 16.25 2.02
N LYS C 16 8.81 16.79 3.21
CA LYS C 16 7.51 16.58 3.85
C LYS C 16 6.39 17.23 3.05
N MET C 17 6.63 18.44 2.54
CA MET C 17 5.63 19.07 1.69
C MET C 17 5.39 18.25 0.43
N ILE C 18 6.44 17.71 -0.16
CA ILE C 18 6.29 16.88 -1.35
C ILE C 18 5.50 15.63 -1.02
N ASP C 19 5.77 15.01 0.14
CA ASP C 19 5.01 13.84 0.55
C ASP C 19 3.53 14.18 0.71
N LYS C 20 3.23 15.34 1.30
CA LYS C 20 1.85 15.76 1.43
C LYS C 20 1.20 15.92 0.07
N ASN C 21 1.90 16.52 -0.89
CA ASN C 21 1.35 16.69 -2.23
C ASN C 21 1.09 15.34 -2.89
N LEU C 22 2.02 14.40 -2.73
CA LEU C 22 1.84 13.07 -3.31
C LEU C 22 0.63 12.37 -2.70
N ARG C 23 0.48 12.46 -1.38
CA ARG C 23 -0.68 11.85 -0.74
C ARG C 23 -1.97 12.48 -1.25
N GLU C 24 -2.00 13.80 -1.40
CA GLU C 24 -3.19 14.46 -1.93
C GLU C 24 -3.51 13.96 -3.34
N ASP C 25 -2.48 13.87 -4.19
CA ASP C 25 -2.71 13.42 -5.56
C ASP C 25 -3.25 12.00 -5.59
N GLY C 26 -2.66 11.11 -4.80
CA GLY C 26 -3.15 9.74 -4.73
C GLY C 26 -4.58 9.65 -4.22
N GLU C 27 -4.89 10.42 -3.18
CA GLU C 27 -6.25 10.41 -2.65
C GLU C 27 -7.24 10.87 -3.71
N LYS C 28 -6.86 11.87 -4.51
CA LYS C 28 -7.76 12.34 -5.56
C LYS C 28 -7.91 11.30 -6.67
N ALA C 29 -6.83 10.57 -6.97
CA ALA C 29 -6.83 9.66 -8.11
C ALA C 29 -7.17 8.22 -7.75
N ARG C 30 -7.52 7.92 -6.50
CA ARG C 30 -7.73 6.53 -6.11
C ARG C 30 -9.08 5.99 -6.57
N ARG C 31 -10.08 6.86 -6.77
CA ARG C 31 -11.45 6.39 -6.95
C ARG C 31 -11.75 5.85 -8.34
N THR C 32 -10.93 6.13 -9.33
CA THR C 32 -11.27 5.80 -10.71
C THR C 32 -11.18 4.29 -10.96
N LEU C 33 -11.95 3.82 -11.92
CA LEU C 33 -11.89 2.44 -12.40
C LEU C 33 -11.32 2.42 -13.81
N ARG C 34 -10.32 1.58 -14.03
CA ARG C 34 -9.62 1.51 -15.32
C ARG C 34 -10.17 0.38 -16.17
N LEU C 35 -10.09 0.56 -17.49
CA LEU C 35 -10.57 -0.42 -18.45
C LEU C 35 -9.64 -0.43 -19.65
N LEU C 36 -9.38 -1.61 -20.20
CA LEU C 36 -8.51 -1.77 -21.37
C LEU C 36 -9.34 -2.16 -22.58
N LEU C 37 -9.21 -1.40 -23.66
CA LEU C 37 -10.00 -1.64 -24.87
C LEU C 37 -9.14 -2.42 -25.87
N LEU C 38 -9.63 -3.59 -26.28
CA LEU C 38 -8.95 -4.43 -27.25
C LEU C 38 -9.90 -4.78 -28.39
N GLY C 39 -9.32 -5.15 -29.52
CA GLY C 39 -10.10 -5.44 -30.71
C GLY C 39 -9.21 -5.43 -31.94
N ALA C 40 -9.83 -5.14 -33.08
CA ALA C 40 -9.12 -5.06 -34.35
C ALA C 40 -9.87 -4.07 -35.24
N ASP C 41 -9.33 -3.86 -36.44
CA ASP C 41 -9.97 -2.97 -37.39
C ASP C 41 -11.35 -3.51 -37.77
N ASN C 42 -12.08 -2.70 -38.54
CA ASN C 42 -13.41 -3.03 -39.03
C ASN C 42 -14.27 -3.69 -37.94
N SER C 43 -14.09 -3.25 -36.69
CA SER C 43 -14.85 -3.79 -35.57
C SER C 43 -15.50 -2.72 -34.71
N GLY C 44 -15.37 -1.44 -35.07
CA GLY C 44 -15.94 -0.40 -34.24
C GLY C 44 -15.36 -0.33 -32.85
N LYS C 45 -14.14 -0.85 -32.66
CA LYS C 45 -13.52 -0.87 -31.34
C LYS C 45 -13.53 0.53 -30.72
N SER C 46 -13.11 1.53 -31.50
CA SER C 46 -13.02 2.90 -31.00
C SER C 46 -14.33 3.66 -31.14
N THR C 47 -15.40 3.02 -31.60
CA THR C 47 -16.70 3.67 -31.77
C THR C 47 -17.74 3.05 -30.84
N ILE C 48 -17.33 2.78 -29.60
CA ILE C 48 -18.21 2.16 -28.59
C ILE C 48 -18.84 3.21 -27.70
N VAL C 49 -18.05 4.18 -27.23
CA VAL C 49 -18.51 5.21 -26.31
C VAL C 49 -18.36 6.56 -26.97
N LYS C 50 -19.26 7.49 -26.62
CA LYS C 50 -19.22 8.84 -27.15
C LYS C 50 -19.43 9.86 -26.04
N GLY C 67 -0.08 6.89 -29.86
CA GLY C 67 0.15 6.52 -28.48
C GLY C 67 -1.05 5.88 -27.83
N ILE C 68 -1.58 6.56 -26.80
CA ILE C 68 -2.72 6.06 -26.02
C ILE C 68 -3.88 7.03 -26.21
N PHE C 69 -5.01 6.51 -26.69
CA PHE C 69 -6.22 7.31 -26.84
C PHE C 69 -7.11 7.12 -25.62
N GLU C 70 -6.57 7.52 -24.47
CA GLU C 70 -7.29 7.39 -23.22
C GLU C 70 -8.51 8.30 -23.19
N THR C 71 -9.61 7.79 -22.65
CA THR C 71 -10.85 8.53 -22.55
C THR C 71 -11.44 8.33 -21.15
N LYS C 72 -12.21 9.33 -20.70
CA LYS C 72 -12.80 9.32 -19.37
C LYS C 72 -14.30 9.53 -19.48
N PHE C 73 -15.08 8.74 -18.75
CA PHE C 73 -16.52 8.90 -18.77
C PHE C 73 -17.09 8.43 -17.45
N GLN C 74 -18.18 9.10 -17.02
CA GLN C 74 -18.78 8.86 -15.72
C GLN C 74 -20.19 8.30 -15.87
N VAL C 75 -20.53 7.34 -15.03
CA VAL C 75 -21.87 6.77 -14.97
C VAL C 75 -22.19 6.47 -13.52
N ASP C 76 -23.36 6.94 -13.06
CA ASP C 76 -23.82 6.69 -11.70
C ASP C 76 -22.77 7.09 -10.67
N LYS C 77 -22.18 8.27 -10.88
CA LYS C 77 -21.15 8.81 -9.99
C LYS C 77 -19.95 7.87 -9.87
N VAL C 78 -19.62 7.14 -10.94
CA VAL C 78 -18.45 6.28 -10.99
C VAL C 78 -17.68 6.64 -12.25
N ASN C 79 -16.38 6.90 -12.11
CA ASN C 79 -15.54 7.37 -13.20
C ASN C 79 -14.76 6.20 -13.79
N PHE C 80 -14.81 6.07 -15.11
CA PHE C 80 -14.15 5.02 -15.85
C PHE C 80 -13.15 5.63 -16.81
N HIS C 81 -11.95 5.05 -16.84
CA HIS C 81 -10.83 5.49 -17.67
C HIS C 81 -10.53 4.35 -18.63
N MET C 82 -10.97 4.50 -19.89
CA MET C 82 -10.74 3.49 -20.91
C MET C 82 -9.49 3.82 -21.70
N PHE C 83 -8.62 2.83 -21.85
CA PHE C 83 -7.32 3.01 -22.50
C PHE C 83 -7.25 2.16 -23.75
N ASP C 84 -6.96 2.78 -24.88
CA ASP C 84 -6.77 2.12 -26.17
C ASP C 84 -5.32 2.31 -26.59
N VAL C 85 -4.65 1.20 -26.89
CA VAL C 85 -3.24 1.22 -27.24
C VAL C 85 -3.11 0.91 -28.72
N GLY C 86 -2.01 1.39 -29.32
CA GLY C 86 -1.74 1.17 -30.72
C GLY C 86 -0.46 1.84 -31.19
N ARG C 93 1.82 -9.57 -28.13
CA ARG C 93 1.25 -8.30 -27.70
C ARG C 93 1.83 -7.88 -26.35
N LYS C 94 3.14 -7.72 -26.29
CA LYS C 94 3.79 -7.30 -25.05
C LYS C 94 3.59 -5.81 -24.82
N TRP C 95 3.08 -5.48 -23.64
CA TRP C 95 2.62 -4.16 -23.21
C TRP C 95 1.30 -4.38 -22.49
N ILE C 96 0.65 -5.51 -22.79
CA ILE C 96 -0.53 -5.91 -22.03
C ILE C 96 -0.25 -6.00 -20.54
N GLN C 97 1.00 -6.24 -20.16
CA GLN C 97 1.35 -6.28 -18.75
C GLN C 97 0.98 -4.98 -18.05
N CYS C 98 0.96 -3.87 -18.78
CA CYS C 98 0.63 -2.59 -18.18
C CYS C 98 -0.78 -2.62 -17.58
N PHE C 99 -1.70 -3.32 -18.24
CA PHE C 99 -3.09 -3.40 -17.80
C PHE C 99 -3.35 -4.70 -17.06
N ASN C 100 -2.57 -4.92 -16.01
CA ASN C 100 -2.65 -6.13 -15.22
C ASN C 100 -3.60 -6.01 -14.03
N ASP C 101 -3.71 -4.82 -13.44
CA ASP C 101 -4.58 -4.57 -12.31
C ASP C 101 -5.77 -3.71 -12.72
N VAL C 102 -6.28 -3.95 -13.91
CA VAL C 102 -7.37 -3.16 -14.47
C VAL C 102 -8.69 -3.83 -14.15
N THR C 103 -9.77 -3.04 -14.15
CA THR C 103 -11.09 -3.57 -13.80
C THR C 103 -11.55 -4.60 -14.82
N ALA C 104 -11.47 -4.27 -16.11
CA ALA C 104 -12.00 -5.16 -17.13
C ALA C 104 -11.37 -4.85 -18.47
N ILE C 105 -11.50 -5.82 -19.38
CA ILE C 105 -11.04 -5.71 -20.75
C ILE C 105 -12.27 -5.74 -21.65
N ILE C 106 -12.48 -4.67 -22.39
CA ILE C 106 -13.56 -4.58 -23.36
C ILE C 106 -12.98 -5.06 -24.69
N PHE C 107 -13.24 -6.32 -25.04
CA PHE C 107 -12.72 -6.94 -26.25
C PHE C 107 -13.83 -6.95 -27.29
N VAL C 108 -13.72 -6.05 -28.27
CA VAL C 108 -14.73 -5.90 -29.30
C VAL C 108 -14.38 -6.80 -30.48
N VAL C 109 -15.41 -7.41 -31.06
CA VAL C 109 -15.23 -8.29 -32.22
C VAL C 109 -16.28 -7.93 -33.27
N ASP C 110 -15.96 -8.22 -34.52
CA ASP C 110 -16.87 -7.97 -35.64
C ASP C 110 -17.47 -9.31 -36.09
N SER C 111 -18.78 -9.46 -35.87
CA SER C 111 -19.50 -10.69 -36.22
C SER C 111 -20.29 -10.51 -37.51
N SER C 112 -19.89 -9.57 -38.35
CA SER C 112 -20.54 -9.34 -39.64
C SER C 112 -19.82 -10.06 -40.78
N ASP C 113 -18.49 -10.09 -40.75
CA ASP C 113 -17.70 -10.79 -41.75
C ASP C 113 -17.19 -12.10 -41.15
N TYR C 114 -17.44 -13.20 -41.85
CA TYR C 114 -17.19 -14.53 -41.30
C TYR C 114 -15.82 -15.07 -41.65
N ASN C 115 -15.18 -14.55 -42.71
CA ASN C 115 -13.86 -15.04 -43.07
C ASN C 115 -12.85 -14.78 -41.97
N ARG C 116 -12.91 -13.60 -41.34
CA ARG C 116 -12.04 -13.25 -40.23
C ARG C 116 -12.66 -13.58 -38.88
N LEU C 117 -13.83 -14.22 -38.86
CA LEU C 117 -14.44 -14.59 -37.58
C LEU C 117 -13.56 -15.59 -36.84
N GLN C 118 -12.93 -16.51 -37.56
CA GLN C 118 -11.99 -17.42 -36.91
C GLN C 118 -10.77 -16.68 -36.37
N GLU C 119 -10.31 -15.65 -37.09
CA GLU C 119 -9.20 -14.85 -36.56
C GLU C 119 -9.60 -14.14 -35.29
N ALA C 120 -10.82 -13.60 -35.24
CA ALA C 120 -11.30 -12.96 -34.03
C ALA C 120 -11.43 -13.98 -32.89
N LEU C 121 -11.89 -15.19 -33.21
CA LEU C 121 -11.97 -16.23 -32.19
C LEU C 121 -10.59 -16.58 -31.66
N ASN C 122 -9.60 -16.67 -32.53
CA ASN C 122 -8.24 -16.96 -32.09
C ASN C 122 -7.69 -15.83 -31.22
N ASP C 123 -7.97 -14.58 -31.59
CA ASP C 123 -7.55 -13.45 -30.77
C ASP C 123 -8.23 -13.49 -29.41
N PHE C 124 -9.52 -13.84 -29.39
CA PHE C 124 -10.22 -13.97 -28.12
C PHE C 124 -9.60 -15.06 -27.26
N LYS C 125 -9.25 -16.19 -27.88
CA LYS C 125 -8.58 -17.26 -27.13
C LYS C 125 -7.26 -16.77 -26.55
N SER C 126 -6.48 -16.05 -27.36
CA SER C 126 -5.19 -15.55 -26.90
C SER C 126 -5.35 -14.59 -25.74
N ILE C 127 -6.33 -13.70 -25.81
CA ILE C 127 -6.53 -12.73 -24.74
C ILE C 127 -7.07 -13.42 -23.49
N TRP C 128 -8.00 -14.36 -23.67
CA TRP C 128 -8.62 -15.03 -22.54
C TRP C 128 -7.61 -15.89 -21.78
N ASN C 129 -6.72 -16.57 -22.51
CA ASN C 129 -5.70 -17.41 -21.89
C ASN C 129 -4.43 -16.63 -21.55
N ASN C 130 -4.42 -15.32 -21.76
CA ASN C 130 -3.23 -14.53 -21.49
C ASN C 130 -2.82 -14.67 -20.04
N ARG C 131 -1.54 -14.99 -19.82
CA ARG C 131 -1.05 -15.26 -18.47
C ARG C 131 -1.28 -14.06 -17.55
N TRP C 132 -1.10 -12.84 -18.09
CA TRP C 132 -1.25 -11.65 -17.27
C TRP C 132 -2.71 -11.27 -17.03
N LEU C 133 -3.64 -11.97 -17.66
CA LEU C 133 -5.05 -11.61 -17.61
C LEU C 133 -5.91 -12.75 -17.09
N ARG C 134 -5.34 -13.59 -16.23
CA ARG C 134 -6.07 -14.76 -15.74
C ARG C 134 -7.20 -14.37 -14.81
N THR C 135 -7.10 -13.22 -14.16
CA THR C 135 -8.11 -12.76 -13.21
C THR C 135 -8.91 -11.57 -13.73
N ILE C 136 -8.76 -11.21 -15.01
CA ILE C 136 -9.43 -10.06 -15.59
C ILE C 136 -10.60 -10.57 -16.43
N SER C 137 -11.82 -10.22 -16.01
CA SER C 137 -13.01 -10.60 -16.76
C SER C 137 -13.07 -9.79 -18.05
N VAL C 138 -13.51 -10.43 -19.12
CA VAL C 138 -13.57 -9.79 -20.44
C VAL C 138 -15.03 -9.48 -20.76
N ILE C 139 -15.30 -8.21 -21.05
CA ILE C 139 -16.63 -7.77 -21.48
C ILE C 139 -16.62 -7.92 -23.00
N LEU C 140 -16.94 -9.12 -23.47
CA LEU C 140 -16.87 -9.43 -24.89
C LEU C 140 -18.01 -8.74 -25.63
N PHE C 141 -17.69 -8.12 -26.75
CA PHE C 141 -18.67 -7.40 -27.56
C PHE C 141 -18.68 -7.98 -28.97
N LEU C 142 -19.87 -8.12 -29.53
CA LEU C 142 -20.05 -8.60 -30.89
C LEU C 142 -20.78 -7.51 -31.67
N ASN C 143 -20.05 -6.83 -32.55
CA ASN C 143 -20.53 -5.61 -33.18
C ASN C 143 -21.19 -5.91 -34.53
N LYS C 144 -21.91 -4.91 -35.03
CA LYS C 144 -22.52 -4.94 -36.35
C LYS C 144 -23.41 -6.17 -36.51
N GLN C 145 -24.14 -6.49 -35.43
CA GLN C 145 -25.17 -7.52 -35.51
C GLN C 145 -26.25 -7.15 -36.52
N ASP C 146 -26.47 -5.87 -36.78
CA ASP C 146 -27.38 -5.47 -37.84
C ASP C 146 -26.86 -5.96 -39.20
N LEU C 147 -25.57 -5.77 -39.46
CA LEU C 147 -24.99 -6.28 -40.69
C LEU C 147 -25.06 -7.79 -40.74
N LEU C 148 -24.84 -8.46 -39.60
CA LEU C 148 -24.94 -9.92 -39.56
C LEU C 148 -26.35 -10.37 -39.92
N ALA C 149 -27.37 -9.73 -39.36
CA ALA C 149 -28.75 -10.07 -39.68
C ALA C 149 -29.07 -9.81 -41.15
N GLU C 150 -28.58 -8.68 -41.68
CA GLU C 150 -28.82 -8.39 -43.10
C GLU C 150 -28.17 -9.44 -43.99
N LYS C 151 -26.96 -9.86 -43.66
CA LYS C 151 -26.30 -10.91 -44.42
C LYS C 151 -27.07 -12.22 -44.35
N VAL C 152 -27.57 -12.56 -43.16
CA VAL C 152 -28.36 -13.78 -43.00
C VAL C 152 -29.62 -13.70 -43.87
N LEU C 153 -30.30 -12.56 -43.84
CA LEU C 153 -31.51 -12.41 -44.65
C LEU C 153 -31.20 -12.52 -46.13
N ALA C 154 -30.12 -11.89 -46.58
CA ALA C 154 -29.76 -11.95 -47.99
C ALA C 154 -29.41 -13.38 -48.41
N GLY C 155 -28.68 -14.10 -47.56
CA GLY C 155 -28.32 -15.47 -47.87
C GLY C 155 -27.12 -15.62 -48.78
N LYS C 156 -26.44 -14.53 -49.12
CA LYS C 156 -25.30 -14.62 -50.03
C LYS C 156 -24.18 -15.47 -49.42
N SER C 157 -23.92 -15.30 -48.13
CA SER C 157 -22.88 -16.05 -47.43
C SER C 157 -23.51 -16.84 -46.31
N LYS C 158 -23.04 -18.09 -46.14
CA LYS C 158 -23.55 -18.99 -45.11
C LYS C 158 -22.44 -19.29 -44.11
N ILE C 159 -22.74 -19.14 -42.82
CA ILE C 159 -21.75 -19.40 -41.78
C ILE C 159 -21.30 -20.85 -41.85
N GLU C 160 -22.16 -21.75 -42.32
CA GLU C 160 -21.77 -23.15 -42.43
C GLU C 160 -20.57 -23.31 -43.37
N ASP C 161 -20.44 -22.42 -44.36
CA ASP C 161 -19.29 -22.49 -45.25
C ASP C 161 -17.99 -22.26 -44.51
N TYR C 162 -18.02 -21.50 -43.41
CA TYR C 162 -16.85 -21.25 -42.59
C TYR C 162 -16.80 -22.11 -41.34
N PHE C 163 -17.95 -22.38 -40.72
CA PHE C 163 -18.02 -23.25 -39.55
C PHE C 163 -19.01 -24.37 -39.84
N PRO C 164 -18.54 -25.54 -40.29
CA PRO C 164 -19.47 -26.61 -40.66
C PRO C 164 -20.44 -26.97 -39.55
N GLU C 165 -20.01 -26.91 -38.28
CA GLU C 165 -20.89 -27.28 -37.18
C GLU C 165 -22.16 -26.44 -37.15
N PHE C 166 -22.14 -25.26 -37.76
CA PHE C 166 -23.35 -24.44 -37.83
C PHE C 166 -24.49 -25.22 -38.47
N ALA C 167 -24.19 -25.98 -39.54
CA ALA C 167 -25.24 -26.73 -40.22
C ALA C 167 -25.93 -27.71 -39.28
N ARG C 168 -25.22 -28.15 -38.22
CA ARG C 168 -25.78 -29.05 -37.22
C ARG C 168 -26.10 -28.34 -35.91
N TYR C 169 -26.43 -27.04 -35.98
CA TYR C 169 -26.73 -26.24 -34.80
C TYR C 169 -28.18 -25.79 -34.84
N THR C 170 -28.82 -25.79 -33.68
CA THR C 170 -30.19 -25.32 -33.53
C THR C 170 -30.28 -24.46 -32.28
N THR C 171 -31.03 -23.37 -32.38
CA THR C 171 -31.16 -22.44 -31.27
C THR C 171 -31.87 -23.12 -30.09
N PRO C 172 -31.48 -22.79 -28.86
CA PRO C 172 -32.21 -23.32 -27.69
C PRO C 172 -33.66 -22.88 -27.73
N GLU C 173 -34.54 -23.79 -27.29
CA GLU C 173 -35.98 -23.53 -27.38
C GLU C 173 -36.42 -22.49 -26.36
N ASP C 174 -35.95 -22.62 -25.12
CA ASP C 174 -36.44 -21.80 -24.01
C ASP C 174 -35.51 -20.67 -23.63
N ALA C 175 -34.49 -20.38 -24.44
CA ALA C 175 -33.52 -19.34 -24.11
C ALA C 175 -33.27 -18.40 -25.27
N THR C 176 -34.34 -17.94 -25.92
CA THR C 176 -34.24 -17.05 -27.08
C THR C 176 -35.16 -15.85 -26.90
N PRO C 177 -34.79 -14.91 -26.01
CA PRO C 177 -35.59 -13.69 -25.85
C PRO C 177 -35.21 -12.66 -26.91
N GLU C 178 -36.15 -12.38 -27.80
CA GLU C 178 -35.95 -11.49 -28.93
C GLU C 178 -37.09 -10.50 -29.02
N PRO C 179 -36.89 -9.38 -29.73
CA PRO C 179 -37.98 -8.42 -29.89
C PRO C 179 -38.85 -8.76 -31.09
N GLY C 180 -38.68 -9.96 -31.63
CA GLY C 180 -39.39 -10.38 -32.82
C GLY C 180 -38.52 -10.36 -34.07
N GLU C 181 -37.36 -10.99 -33.99
CA GLU C 181 -36.40 -11.03 -35.07
C GLU C 181 -36.52 -12.36 -35.82
N ASP C 182 -35.71 -12.52 -36.87
CA ASP C 182 -35.78 -13.73 -37.68
C ASP C 182 -35.16 -14.91 -36.93
N PRO C 183 -35.80 -16.09 -36.97
CA PRO C 183 -35.19 -17.26 -36.31
C PRO C 183 -33.83 -17.59 -36.86
N ARG C 184 -33.61 -17.40 -38.16
CA ARG C 184 -32.30 -17.65 -38.74
C ARG C 184 -31.25 -16.71 -38.14
N VAL C 185 -31.59 -15.42 -38.04
CA VAL C 185 -30.67 -14.46 -37.45
C VAL C 185 -30.35 -14.83 -36.02
N THR C 186 -31.39 -15.19 -35.25
CA THR C 186 -31.18 -15.57 -33.86
C THR C 186 -30.30 -16.81 -33.75
N ARG C 187 -30.53 -17.80 -34.62
CA ARG C 187 -29.76 -19.04 -34.57
C ARG C 187 -28.29 -18.76 -34.86
N ALA C 188 -28.01 -17.98 -35.92
CA ALA C 188 -26.62 -17.67 -36.25
C ALA C 188 -25.95 -16.87 -35.13
N LYS C 189 -26.66 -15.86 -34.58
CA LYS C 189 -26.09 -15.08 -33.50
C LYS C 189 -25.76 -15.95 -32.31
N TYR C 190 -26.69 -16.84 -31.93
CA TYR C 190 -26.45 -17.71 -30.79
C TYR C 190 -25.33 -18.69 -31.06
N PHE C 191 -25.17 -19.14 -32.31
CA PHE C 191 -24.05 -20.02 -32.63
C PHE C 191 -22.72 -19.32 -32.42
N ILE C 192 -22.60 -18.08 -32.95
CA ILE C 192 -21.35 -17.34 -32.78
C ILE C 192 -21.10 -17.05 -31.30
N ARG C 193 -22.15 -16.65 -30.58
CA ARG C 193 -22.00 -16.35 -29.16
C ARG C 193 -21.60 -17.60 -28.40
N LYS C 194 -22.16 -18.76 -28.76
CA LYS C 194 -21.80 -20.00 -28.09
C LYS C 194 -20.35 -20.38 -28.36
N GLU C 195 -19.88 -20.19 -29.60
CA GLU C 195 -18.49 -20.45 -29.89
C GLU C 195 -17.58 -19.59 -29.03
N PHE C 196 -17.89 -18.29 -28.94
CA PHE C 196 -17.06 -17.41 -28.11
C PHE C 196 -17.16 -17.79 -26.63
N VAL C 197 -18.36 -18.10 -26.16
CA VAL C 197 -18.58 -18.35 -24.74
C VAL C 197 -17.91 -19.66 -24.32
N ASP C 198 -17.99 -20.70 -25.15
CA ASP C 198 -17.37 -21.96 -24.80
C ASP C 198 -15.88 -21.99 -25.12
N ILE C 199 -15.37 -21.02 -25.89
CA ILE C 199 -13.94 -20.76 -25.84
C ILE C 199 -13.57 -20.13 -24.51
N SER C 200 -14.43 -19.23 -24.01
CA SER C 200 -14.16 -18.58 -22.72
C SER C 200 -14.14 -19.60 -21.58
N THR C 201 -15.13 -20.49 -21.55
CA THR C 201 -15.29 -21.44 -20.44
C THR C 201 -14.50 -22.72 -20.63
N ALA C 202 -13.74 -22.85 -21.72
CA ALA C 202 -12.93 -24.04 -21.90
C ALA C 202 -12.06 -24.30 -20.68
N SER C 203 -11.39 -23.26 -20.19
CA SER C 203 -10.65 -23.36 -18.92
C SER C 203 -10.60 -21.96 -18.33
N GLY C 204 -11.48 -21.69 -17.36
CA GLY C 204 -11.51 -20.42 -16.68
C GLY C 204 -11.33 -20.56 -15.18
N ASP C 205 -11.71 -21.72 -14.65
CA ASP C 205 -11.62 -22.04 -13.22
C ASP C 205 -12.53 -21.16 -12.36
N GLY C 206 -13.36 -20.32 -12.97
CA GLY C 206 -14.27 -19.48 -12.22
C GLY C 206 -13.67 -18.20 -11.70
N ARG C 207 -12.38 -17.96 -11.92
CA ARG C 207 -11.73 -16.75 -11.43
C ARG C 207 -12.08 -15.52 -12.26
N HIS C 208 -12.59 -15.71 -13.47
CA HIS C 208 -13.03 -14.59 -14.30
C HIS C 208 -14.06 -15.09 -15.28
N ILE C 209 -14.96 -14.20 -15.67
CA ILE C 209 -16.14 -14.54 -16.46
C ILE C 209 -16.19 -13.69 -17.71
N CYS C 210 -16.56 -14.31 -18.82
CA CYS C 210 -16.81 -13.62 -20.07
C CYS C 210 -18.24 -13.11 -20.07
N TYR C 211 -18.40 -11.82 -20.39
CA TYR C 211 -19.73 -11.23 -20.47
C TYR C 211 -20.04 -10.88 -21.92
N PRO C 212 -20.82 -11.68 -22.64
CA PRO C 212 -21.13 -11.35 -24.02
C PRO C 212 -22.27 -10.35 -24.16
N HIS C 213 -22.16 -9.52 -25.19
CA HIS C 213 -23.16 -8.51 -25.48
C HIS C 213 -23.24 -8.32 -26.99
N PHE C 214 -24.20 -7.50 -27.42
CA PHE C 214 -24.41 -7.19 -28.82
C PHE C 214 -24.47 -5.68 -29.00
N THR C 215 -23.81 -5.20 -30.06
CA THR C 215 -23.80 -3.78 -30.41
C THR C 215 -24.00 -3.64 -31.91
N CYS C 216 -24.77 -2.62 -32.30
CA CYS C 216 -25.06 -2.37 -33.70
C CYS C 216 -24.59 -0.98 -34.14
N ALA C 217 -23.64 -0.39 -33.41
CA ALA C 217 -23.11 0.95 -33.64
C ALA C 217 -24.13 2.04 -33.32
N VAL C 218 -25.34 1.67 -32.91
CA VAL C 218 -26.35 2.66 -32.53
C VAL C 218 -26.85 2.45 -31.10
N ASP C 219 -26.64 1.28 -30.50
CA ASP C 219 -27.07 1.04 -29.13
C ASP C 219 -26.25 1.89 -28.17
N THR C 220 -26.83 2.96 -27.66
CA THR C 220 -26.16 3.81 -26.68
C THR C 220 -26.09 3.17 -25.30
N GLU C 221 -26.77 2.05 -25.09
CA GLU C 221 -26.76 1.36 -23.81
C GLU C 221 -25.56 0.41 -23.69
N ASN C 222 -24.37 0.97 -23.85
CA ASN C 222 -23.12 0.23 -23.70
C ASN C 222 -22.39 0.57 -22.41
N ALA C 223 -22.37 1.86 -22.03
CA ALA C 223 -21.78 2.25 -20.76
C ALA C 223 -22.52 1.58 -19.60
N ARG C 224 -23.85 1.47 -19.71
CA ARG C 224 -24.61 0.77 -18.68
C ARG C 224 -24.19 -0.69 -18.57
N ARG C 225 -24.00 -1.36 -19.72
CA ARG C 225 -23.56 -2.75 -19.70
C ARG C 225 -22.19 -2.87 -19.05
N ILE C 226 -21.26 -1.98 -19.39
CA ILE C 226 -19.93 -2.03 -18.81
C ILE C 226 -20.00 -1.80 -17.32
N PHE C 227 -20.83 -0.83 -16.89
CA PHE C 227 -20.96 -0.53 -15.47
C PHE C 227 -21.54 -1.72 -14.70
N ASN C 228 -22.59 -2.35 -15.25
CA ASN C 228 -23.18 -3.50 -14.60
C ASN C 228 -22.18 -4.66 -14.51
N ASP C 229 -21.44 -4.90 -15.59
CA ASP C 229 -20.47 -5.99 -15.57
C ASP C 229 -19.32 -5.72 -14.62
N CYS C 230 -18.89 -4.46 -14.50
CA CYS C 230 -17.85 -4.14 -13.53
C CYS C 230 -18.36 -4.30 -12.10
N LYS C 231 -19.61 -3.89 -11.85
CA LYS C 231 -20.21 -4.15 -10.55
C LYS C 231 -20.26 -5.64 -10.25
N ASP C 232 -20.63 -6.44 -11.25
CA ASP C 232 -20.66 -7.89 -11.07
C ASP C 232 -19.27 -8.44 -10.79
N ILE C 233 -18.26 -7.91 -11.47
CA ILE C 233 -16.88 -8.39 -11.26
C ILE C 233 -16.44 -8.08 -9.84
N ILE C 234 -16.71 -6.86 -9.37
CA ILE C 234 -16.36 -6.51 -8.00
C ILE C 234 -17.12 -7.39 -7.01
N LEU C 235 -18.40 -7.63 -7.29
CA LEU C 235 -19.20 -8.49 -6.43
C LEU C 235 -18.63 -9.89 -6.36
N GLN C 236 -18.22 -10.44 -7.51
CA GLN C 236 -17.63 -11.78 -7.53
C GLN C 236 -16.32 -11.81 -6.77
N MET C 237 -15.51 -10.75 -6.90
CA MET C 237 -14.27 -10.70 -6.14
C MET C 237 -14.55 -10.68 -4.64
N ASN C 238 -15.55 -9.90 -4.21
CA ASN C 238 -15.90 -9.86 -2.80
C ASN C 238 -16.37 -11.23 -2.32
N LEU C 239 -17.25 -11.87 -3.09
CA LEU C 239 -17.77 -13.18 -2.69
C LEU C 239 -16.64 -14.21 -2.62
N ARG C 240 -15.72 -14.16 -3.57
CA ARG C 240 -14.56 -15.06 -3.54
C ARG C 240 -13.71 -14.80 -2.30
N GLU C 241 -13.57 -13.53 -1.91
CA GLU C 241 -12.86 -13.22 -0.68
C GLU C 241 -13.58 -13.81 0.53
N TYR C 242 -14.91 -13.80 0.51
CA TYR C 242 -15.71 -14.35 1.60
C TYR C 242 -15.98 -15.84 1.45
N ASN C 243 -15.53 -16.47 0.37
CA ASN C 243 -15.73 -17.88 0.07
C ASN C 243 -17.19 -18.22 -0.19
N LEU C 244 -18.04 -17.23 -0.43
CA LEU C 244 -19.43 -17.51 -0.75
C LEU C 244 -19.60 -18.01 -2.18
N VAL C 245 -18.54 -17.97 -2.98
CA VAL C 245 -18.59 -18.45 -4.35
C VAL C 245 -17.26 -19.09 -4.73
N LEU D 8 13.58 -14.27 -56.60
CA LEU D 8 13.33 -14.28 -55.12
C LEU D 8 13.82 -15.60 -54.50
N ASP D 9 13.64 -16.69 -55.23
CA ASP D 9 14.11 -17.98 -54.75
C ASP D 9 15.62 -17.99 -54.60
N GLN D 10 16.34 -17.41 -55.57
CA GLN D 10 17.79 -17.33 -55.47
C GLN D 10 18.20 -16.51 -54.25
N LEU D 11 17.50 -15.40 -53.98
CA LEU D 11 17.81 -14.60 -52.80
C LEU D 11 17.60 -15.40 -51.52
N ARG D 12 16.51 -16.16 -51.45
CA ARG D 12 16.25 -16.96 -50.25
C ARG D 12 17.32 -18.04 -50.08
N GLN D 13 17.73 -18.67 -51.18
CA GLN D 13 18.79 -19.67 -51.11
C GLN D 13 20.10 -19.04 -50.63
N GLU D 14 20.43 -17.85 -51.15
CA GLU D 14 21.65 -17.18 -50.73
C GLU D 14 21.58 -16.81 -49.25
N ALA D 15 20.42 -16.36 -48.79
CA ALA D 15 20.26 -16.02 -47.37
C ALA D 15 20.44 -17.25 -46.50
N GLU D 16 19.84 -18.38 -46.90
CA GLU D 16 20.01 -19.60 -46.13
C GLU D 16 21.46 -20.06 -46.10
N GLN D 17 22.14 -19.98 -47.25
CA GLN D 17 23.55 -20.35 -47.31
C GLN D 17 24.39 -19.46 -46.42
N LEU D 18 24.12 -18.15 -46.42
CA LEU D 18 24.87 -17.23 -45.57
C LEU D 18 24.61 -17.52 -44.10
N LYS D 19 23.36 -17.82 -43.73
CA LYS D 19 23.07 -18.16 -42.35
C LYS D 19 23.80 -19.43 -41.93
N ASN D 20 23.84 -20.43 -42.81
CA ASN D 20 24.57 -21.65 -42.52
C ASN D 20 26.06 -21.37 -42.37
N GLN D 21 26.61 -20.52 -43.24
CA GLN D 21 28.02 -20.16 -43.13
C GLN D 21 28.30 -19.47 -41.80
N ILE D 22 27.43 -18.55 -41.39
CA ILE D 22 27.60 -17.86 -40.12
C ILE D 22 27.58 -18.87 -38.97
N ARG D 23 26.60 -19.78 -38.99
CA ARG D 23 26.48 -20.76 -37.92
C ARG D 23 27.72 -21.65 -37.86
N ASP D 24 28.23 -22.07 -39.01
CA ASP D 24 29.41 -22.93 -39.03
C ASP D 24 30.64 -22.17 -38.54
N ALA D 25 30.82 -20.93 -38.99
CA ALA D 25 32.00 -20.18 -38.59
C ALA D 25 31.99 -19.88 -37.09
N ARG D 26 30.83 -19.49 -36.55
CA ARG D 26 30.73 -19.23 -35.13
C ARG D 26 30.70 -20.51 -34.30
N LYS D 27 30.37 -21.65 -34.92
CA LYS D 27 30.43 -22.92 -34.21
C LYS D 27 31.86 -23.42 -34.07
N ALA D 28 32.74 -23.08 -35.02
CA ALA D 28 34.13 -23.50 -34.93
C ALA D 28 34.90 -22.66 -33.91
N CYS D 29 34.53 -21.39 -33.75
CA CYS D 29 35.20 -20.52 -32.80
C CYS D 29 34.96 -20.96 -31.36
N ALA D 30 33.95 -21.81 -31.11
CA ALA D 30 33.63 -22.26 -29.77
C ALA D 30 34.57 -23.42 -29.39
N ASP D 31 35.83 -23.07 -29.15
CA ASP D 31 36.80 -24.07 -28.73
C ASP D 31 36.42 -24.65 -27.37
N ALA D 32 35.95 -23.81 -26.46
CA ALA D 32 35.53 -24.25 -25.14
C ALA D 32 34.32 -23.41 -24.73
N THR D 33 33.86 -23.61 -23.50
CA THR D 33 32.67 -22.95 -22.98
C THR D 33 33.03 -22.20 -21.71
N LEU D 34 32.49 -20.99 -21.56
CA LEU D 34 32.74 -20.21 -20.36
C LEU D 34 32.37 -20.98 -19.10
N SER D 35 31.35 -21.83 -19.18
CA SER D 35 30.96 -22.62 -18.02
C SER D 35 32.09 -23.54 -17.57
N GLN D 36 32.74 -24.21 -18.51
CA GLN D 36 33.85 -25.10 -18.18
C GLN D 36 35.18 -24.37 -18.08
N ILE D 37 35.21 -23.08 -18.37
CA ILE D 37 36.40 -22.28 -18.10
C ILE D 37 36.34 -21.65 -16.71
N THR D 38 35.15 -21.50 -16.13
CA THR D 38 34.99 -20.95 -14.80
C THR D 38 34.59 -22.00 -13.76
N ASN D 39 34.97 -23.26 -13.96
CA ASN D 39 34.64 -24.27 -12.95
C ASN D 39 35.69 -24.31 -11.84
N ASN D 40 36.82 -23.64 -12.04
CA ASN D 40 37.86 -23.57 -11.00
C ASN D 40 38.09 -22.11 -10.64
N ILE D 41 37.20 -21.60 -9.80
CA ILE D 41 37.32 -20.27 -9.22
C ILE D 41 36.72 -20.30 -7.82
N ASP D 42 36.81 -19.18 -7.10
CA ASP D 42 36.22 -19.09 -5.77
C ASP D 42 34.76 -18.65 -5.91
N PRO D 43 33.78 -19.49 -5.59
CA PRO D 43 32.39 -19.06 -5.72
C PRO D 43 32.06 -17.95 -4.73
N VAL D 44 31.06 -17.14 -5.10
CA VAL D 44 30.72 -15.97 -4.29
C VAL D 44 30.26 -16.40 -2.90
N GLY D 45 29.21 -17.21 -2.84
CA GLY D 45 28.66 -17.65 -1.57
C GLY D 45 27.20 -17.23 -1.39
N ARG D 46 26.95 -16.34 -0.43
CA ARG D 46 25.61 -15.82 -0.16
C ARG D 46 25.65 -14.31 -0.23
N ILE D 47 24.94 -13.74 -1.20
CA ILE D 47 24.86 -12.29 -1.34
C ILE D 47 23.64 -11.85 -0.55
N GLN D 48 23.83 -11.67 0.75
CA GLN D 48 22.76 -11.28 1.66
C GLN D 48 22.71 -9.75 1.71
N MET D 49 21.74 -9.16 1.05
CA MET D 49 21.60 -7.72 0.95
C MET D 49 20.37 -7.29 1.72
N ARG D 50 20.54 -6.38 2.66
CA ARG D 50 19.45 -5.85 3.46
C ARG D 50 18.97 -4.54 2.88
N THR D 51 17.69 -4.25 3.08
CA THR D 51 17.07 -3.02 2.62
C THR D 51 17.48 -1.90 3.57
N ARG D 52 18.49 -1.13 3.15
CA ARG D 52 18.97 -0.04 3.99
C ARG D 52 18.04 1.16 3.92
N ARG D 53 17.36 1.36 2.79
CA ARG D 53 16.35 2.40 2.65
C ARG D 53 15.15 1.85 1.90
N THR D 54 13.97 2.35 2.27
CA THR D 54 12.73 2.07 1.56
C THR D 54 12.09 3.40 1.22
N LEU D 55 11.84 3.63 -0.07
CA LEU D 55 11.34 4.90 -0.55
C LEU D 55 9.83 4.81 -0.74
N ARG D 56 9.10 5.66 -0.05
CA ARG D 56 7.64 5.67 -0.09
C ARG D 56 7.16 7.01 -0.62
N GLY D 57 6.03 6.98 -1.33
CA GLY D 57 5.50 8.17 -1.97
C GLY D 57 4.91 7.83 -3.31
N HIS D 58 5.37 6.74 -3.91
CA HIS D 58 4.80 6.21 -5.14
C HIS D 58 3.59 5.35 -4.78
N LEU D 59 2.44 5.68 -5.36
CA LEU D 59 1.17 5.03 -5.04
C LEU D 59 0.66 4.17 -6.19
N ALA D 60 1.57 3.59 -6.95
CA ALA D 60 1.23 2.68 -8.04
C ALA D 60 2.47 1.88 -8.38
N LYS D 61 2.35 0.98 -9.35
CA LYS D 61 3.46 0.15 -9.74
C LYS D 61 4.65 1.00 -10.18
N ILE D 62 5.83 0.67 -9.68
CA ILE D 62 7.07 1.28 -10.13
C ILE D 62 7.52 0.52 -11.36
N TYR D 63 7.74 1.24 -12.46
CA TYR D 63 8.17 0.62 -13.70
C TYR D 63 9.64 0.85 -14.01
N ALA D 64 10.15 2.06 -13.82
CA ALA D 64 11.53 2.37 -14.18
C ALA D 64 12.20 3.13 -13.06
N MET D 65 13.52 3.01 -12.98
CA MET D 65 14.31 3.79 -12.05
C MET D 65 15.74 3.82 -12.54
N HIS D 66 16.37 4.98 -12.42
CA HIS D 66 17.73 5.15 -12.90
C HIS D 66 18.53 6.01 -11.93
N TRP D 67 19.71 5.54 -11.57
CA TRP D 67 20.62 6.28 -10.71
C TRP D 67 21.22 7.47 -11.44
N GLY D 68 21.48 8.54 -10.69
CA GLY D 68 22.25 9.65 -11.19
C GLY D 68 23.73 9.35 -11.20
N THR D 69 24.50 10.26 -11.79
CA THR D 69 25.94 10.05 -11.91
C THR D 69 26.64 10.06 -10.56
N ASP D 70 26.08 10.73 -9.56
CA ASP D 70 26.72 10.89 -8.27
C ASP D 70 26.40 9.77 -7.30
N SER D 71 25.60 8.78 -7.70
CA SER D 71 25.27 7.63 -6.88
C SER D 71 24.50 8.00 -5.61
N ARG D 72 23.90 9.19 -5.60
CA ARG D 72 23.15 9.64 -4.43
C ARG D 72 21.73 10.05 -4.83
N LEU D 73 21.60 10.67 -6.00
CA LEU D 73 20.30 11.03 -6.53
C LEU D 73 19.85 9.92 -7.48
N LEU D 74 18.55 9.63 -7.49
CA LEU D 74 18.01 8.70 -8.46
C LEU D 74 16.62 9.14 -8.88
N VAL D 75 16.23 8.79 -10.10
CA VAL D 75 14.89 9.05 -10.60
C VAL D 75 14.10 7.75 -10.57
N SER D 76 12.81 7.87 -10.27
CA SER D 76 11.89 6.75 -10.27
C SER D 76 10.63 7.16 -11.01
N ALA D 77 10.19 6.32 -11.95
CA ALA D 77 8.96 6.51 -12.70
C ALA D 77 8.03 5.33 -12.42
N SER D 78 6.81 5.66 -12.02
CA SER D 78 5.81 4.66 -11.64
C SER D 78 4.52 4.94 -12.39
N GLN D 79 3.62 3.96 -12.37
CA GLN D 79 2.38 4.03 -13.13
C GLN D 79 1.44 5.11 -12.61
N ASP D 80 1.70 5.69 -11.44
CA ASP D 80 0.88 6.79 -10.95
C ASP D 80 1.09 8.07 -11.75
N GLY D 81 2.05 8.10 -12.66
CA GLY D 81 2.27 9.26 -13.51
C GLY D 81 3.06 10.35 -12.82
N LYS D 82 4.17 10.00 -12.17
CA LYS D 82 4.96 10.97 -11.44
C LYS D 82 6.40 10.50 -11.39
N LEU D 83 7.30 11.36 -11.85
CA LEU D 83 8.73 11.13 -11.76
C LEU D 83 9.22 11.75 -10.46
N ILE D 84 9.87 10.95 -9.62
CA ILE D 84 10.36 11.40 -8.32
C ILE D 84 11.87 11.30 -8.29
N ILE D 85 12.53 12.38 -7.87
CA ILE D 85 13.96 12.39 -7.64
C ILE D 85 14.19 12.18 -6.15
N TRP D 86 14.89 11.10 -5.82
CA TRP D 86 15.16 10.73 -4.44
C TRP D 86 16.62 10.99 -4.10
N ASP D 87 16.83 11.69 -2.99
CA ASP D 87 18.11 11.70 -2.30
C ASP D 87 18.10 10.51 -1.34
N SER D 88 18.72 9.41 -1.78
CA SER D 88 18.66 8.18 -1.00
C SER D 88 19.53 8.22 0.25
N TYR D 89 20.48 9.17 0.34
CA TYR D 89 21.25 9.30 1.56
C TYR D 89 20.36 9.70 2.74
N THR D 90 19.49 10.68 2.53
CA THR D 90 18.55 11.13 3.54
C THR D 90 17.11 10.79 3.18
N THR D 91 16.90 9.86 2.24
CA THR D 91 15.57 9.43 1.81
C THR D 91 14.65 10.62 1.55
N ASN D 92 15.23 11.74 1.13
CA ASN D 92 14.44 12.95 0.88
C ASN D 92 13.94 12.97 -0.57
N LYS D 93 12.91 13.77 -0.78
CA LYS D 93 12.35 13.97 -2.12
C LYS D 93 12.87 15.30 -2.64
N VAL D 94 13.88 15.23 -3.51
CA VAL D 94 14.48 16.46 -4.03
C VAL D 94 13.50 17.16 -4.97
N HIS D 95 12.83 16.39 -5.83
CA HIS D 95 11.85 16.93 -6.75
C HIS D 95 10.72 15.94 -6.92
N ALA D 96 9.55 16.45 -7.30
CA ALA D 96 8.41 15.64 -7.67
C ALA D 96 7.95 16.11 -9.03
N ILE D 97 8.22 15.32 -10.06
CA ILE D 97 7.99 15.71 -11.45
C ILE D 97 6.69 15.06 -11.90
N PRO D 98 5.63 15.82 -12.16
CA PRO D 98 4.40 15.22 -12.71
C PRO D 98 4.51 14.99 -14.20
N LEU D 99 4.31 13.75 -14.62
CA LEU D 99 4.40 13.38 -16.03
C LEU D 99 3.10 13.69 -16.76
N ARG D 100 3.22 13.92 -18.07
CA ARG D 100 2.03 14.17 -18.88
C ARG D 100 1.27 12.87 -19.16
N SER D 101 1.97 11.74 -19.20
CA SER D 101 1.36 10.43 -19.40
C SER D 101 1.82 9.50 -18.29
N SER D 102 0.88 8.72 -17.75
CA SER D 102 1.17 7.84 -16.63
C SER D 102 1.63 6.45 -17.05
N TRP D 103 1.60 6.14 -18.34
CA TRP D 103 2.04 4.83 -18.83
C TRP D 103 3.51 4.89 -19.23
N VAL D 104 4.33 5.22 -18.25
CA VAL D 104 5.77 5.37 -18.43
C VAL D 104 6.43 4.03 -18.17
N MET D 105 7.26 3.58 -19.11
CA MET D 105 7.96 2.30 -19.00
C MET D 105 9.45 2.44 -18.84
N THR D 106 10.01 3.65 -18.95
CA THR D 106 11.44 3.86 -18.82
C THR D 106 11.71 5.27 -18.32
N CYS D 107 12.87 5.43 -17.69
CA CYS D 107 13.35 6.73 -17.25
C CYS D 107 14.87 6.69 -17.24
N ALA D 108 15.48 7.87 -17.32
CA ALA D 108 16.93 7.98 -17.36
C ALA D 108 17.37 9.27 -16.72
N TYR D 109 18.63 9.30 -16.29
CA TYR D 109 19.25 10.43 -15.64
C TYR D 109 20.44 10.88 -16.48
N ALA D 110 20.47 12.16 -16.83
CA ALA D 110 21.57 12.66 -17.64
C ALA D 110 22.89 12.56 -16.88
N PRO D 111 23.99 12.21 -17.55
CA PRO D 111 25.27 12.11 -16.82
C PRO D 111 25.67 13.40 -16.12
N SER D 112 25.36 14.55 -16.73
CA SER D 112 25.66 15.82 -16.09
C SER D 112 24.81 16.04 -14.85
N GLY D 113 23.61 15.45 -14.82
CA GLY D 113 22.67 15.66 -13.75
C GLY D 113 21.69 16.79 -13.98
N ASN D 114 21.82 17.52 -15.09
CA ASN D 114 20.93 18.64 -15.36
C ASN D 114 19.59 18.21 -15.95
N TYR D 115 19.47 16.99 -16.46
CA TYR D 115 18.27 16.57 -17.15
C TYR D 115 17.91 15.14 -16.77
N VAL D 116 16.63 14.81 -16.94
CA VAL D 116 16.13 13.45 -16.77
C VAL D 116 15.19 13.14 -17.91
N ALA D 117 15.27 11.91 -18.42
CA ALA D 117 14.44 11.47 -19.54
C ALA D 117 13.43 10.44 -19.07
N CYS D 118 12.25 10.45 -19.69
CA CYS D 118 11.22 9.46 -19.39
C CYS D 118 10.38 9.20 -20.63
N GLY D 119 10.00 7.94 -20.82
CA GLY D 119 9.16 7.57 -21.94
C GLY D 119 8.35 6.34 -21.64
N GLY D 120 7.43 6.02 -22.54
CA GLY D 120 6.58 4.85 -22.36
C GLY D 120 5.63 4.60 -23.52
N LEU D 121 4.37 4.32 -23.20
CA LEU D 121 3.39 3.94 -24.20
C LEU D 121 3.02 5.07 -25.14
N ASP D 122 3.44 6.30 -24.87
CA ASP D 122 3.10 7.45 -25.71
C ASP D 122 4.09 7.66 -26.84
N ASN D 123 5.11 6.81 -26.98
CA ASN D 123 6.08 6.88 -28.06
C ASN D 123 6.89 8.18 -28.06
N ILE D 124 6.95 8.86 -26.92
CA ILE D 124 7.65 10.14 -26.80
C ILE D 124 8.62 10.05 -25.63
N CYS D 125 9.85 10.48 -25.86
CA CYS D 125 10.85 10.61 -24.80
C CYS D 125 10.89 12.05 -24.35
N SER D 126 10.32 12.33 -23.19
CA SER D 126 10.30 13.67 -22.62
C SER D 126 11.58 13.91 -21.83
N ILE D 127 12.18 15.08 -22.05
CA ILE D 127 13.36 15.53 -21.35
C ILE D 127 12.95 16.63 -20.38
N TYR D 128 13.43 16.54 -19.15
CA TYR D 128 13.11 17.52 -18.11
C TYR D 128 14.40 18.15 -17.61
N ASN D 129 14.46 19.48 -17.64
CA ASN D 129 15.54 20.23 -17.04
C ASN D 129 15.31 20.34 -15.54
N LEU D 130 16.30 19.89 -14.77
CA LEU D 130 16.31 19.95 -13.32
C LEU D 130 17.03 21.19 -12.81
N LYS D 131 18.27 21.37 -13.23
CA LYS D 131 19.15 22.41 -12.71
C LYS D 131 18.96 23.67 -13.54
N THR D 132 17.98 24.48 -13.16
CA THR D 132 17.70 25.72 -13.86
C THR D 132 17.24 26.76 -12.84
N ARG D 133 17.31 28.03 -13.25
CA ARG D 133 16.75 29.09 -12.44
C ARG D 133 15.25 28.90 -12.31
N GLU D 134 14.64 29.68 -11.42
CA GLU D 134 13.24 29.60 -11.01
C GLU D 134 13.00 28.44 -10.05
N GLY D 135 13.99 27.58 -9.81
CA GLY D 135 13.87 26.54 -8.81
C GLY D 135 12.74 25.57 -9.04
N ASN D 136 12.56 25.13 -10.28
CA ASN D 136 11.54 24.14 -10.60
C ASN D 136 11.98 23.33 -11.81
N VAL D 137 11.64 22.06 -11.81
CA VAL D 137 11.91 21.18 -12.95
C VAL D 137 10.89 21.48 -14.04
N ARG D 138 11.37 21.66 -15.28
CA ARG D 138 10.47 21.99 -16.38
C ARG D 138 10.79 21.17 -17.61
N VAL D 139 9.79 20.97 -18.46
CA VAL D 139 9.98 20.18 -19.68
C VAL D 139 10.82 20.97 -20.66
N SER D 140 11.92 20.38 -21.12
CA SER D 140 12.84 20.99 -22.05
C SER D 140 12.61 20.57 -23.50
N ARG D 141 12.48 19.27 -23.76
CA ARG D 141 12.35 18.78 -25.12
C ARG D 141 11.60 17.46 -25.10
N GLU D 142 10.76 17.25 -26.11
CA GLU D 142 10.03 16.01 -26.33
C GLU D 142 10.46 15.42 -27.66
N LEU D 143 10.78 14.13 -27.66
CA LEU D 143 11.36 13.45 -28.81
C LEU D 143 10.32 12.54 -29.45
N ALA D 144 9.64 13.04 -30.46
CA ALA D 144 8.62 12.29 -31.19
C ALA D 144 9.19 11.77 -32.49
N GLY D 145 8.65 10.64 -32.95
CA GLY D 145 9.12 10.01 -34.17
C GLY D 145 9.11 8.49 -34.11
N HIS D 146 9.22 7.93 -32.91
CA HIS D 146 9.08 6.49 -32.75
C HIS D 146 7.63 6.07 -32.97
N THR D 147 7.47 4.93 -33.65
CA THR D 147 6.14 4.42 -33.97
C THR D 147 5.55 3.56 -32.86
N GLY D 148 6.36 2.74 -32.20
CA GLY D 148 5.92 1.93 -31.10
C GLY D 148 6.20 2.56 -29.74
N TYR D 149 5.82 1.83 -28.70
CA TYR D 149 6.06 2.29 -27.34
C TYR D 149 7.56 2.28 -27.03
N LEU D 150 7.98 3.24 -26.22
CA LEU D 150 9.38 3.36 -25.84
C LEU D 150 9.67 2.38 -24.71
N SER D 151 10.69 1.54 -24.91
CA SER D 151 11.04 0.51 -23.94
C SER D 151 12.20 0.93 -23.07
N CYS D 152 13.12 1.75 -23.60
CA CYS D 152 14.30 2.17 -22.86
C CYS D 152 14.82 3.46 -23.46
N CYS D 153 15.71 4.12 -22.71
CA CYS D 153 16.35 5.35 -23.17
C CYS D 153 17.53 5.63 -22.27
N ARG D 154 18.61 6.16 -22.86
CA ARG D 154 19.80 6.52 -22.11
C ARG D 154 20.46 7.73 -22.76
N PHE D 155 20.77 8.73 -21.94
CA PHE D 155 21.53 9.88 -22.41
C PHE D 155 22.95 9.47 -22.77
N LEU D 156 23.47 10.06 -23.84
CA LEU D 156 24.89 10.03 -24.14
C LEU D 156 25.61 11.26 -23.60
N ASP D 157 24.97 12.42 -23.71
CA ASP D 157 25.48 13.66 -23.14
C ASP D 157 24.29 14.60 -22.97
N ASP D 158 24.56 15.88 -22.74
CA ASP D 158 23.48 16.85 -22.61
C ASP D 158 22.68 17.00 -23.90
N ASN D 159 23.19 16.53 -25.03
CA ASN D 159 22.52 16.72 -26.31
C ASN D 159 22.51 15.48 -27.19
N GLN D 160 22.48 14.28 -26.63
CA GLN D 160 22.49 13.04 -27.39
C GLN D 160 21.86 11.94 -26.56
N ILE D 161 20.75 11.37 -27.03
CA ILE D 161 20.04 10.33 -26.29
C ILE D 161 19.61 9.23 -27.25
N VAL D 162 19.87 7.97 -26.86
CA VAL D 162 19.49 6.80 -27.65
C VAL D 162 18.26 6.18 -27.02
N THR D 163 17.27 5.86 -27.84
CA THR D 163 16.04 5.23 -27.39
C THR D 163 15.76 3.98 -28.22
N SER D 164 14.96 3.08 -27.65
CA SER D 164 14.50 1.89 -28.35
C SER D 164 12.98 1.82 -28.23
N SER D 165 12.31 1.45 -29.32
CA SER D 165 10.86 1.43 -29.35
C SER D 165 10.37 0.04 -29.70
N GLY D 166 9.06 -0.15 -29.52
CA GLY D 166 8.41 -1.38 -29.87
C GLY D 166 8.09 -1.53 -31.34
N ASP D 167 8.44 -0.54 -32.15
CA ASP D 167 8.32 -0.65 -33.60
C ASP D 167 9.50 -1.40 -34.22
N THR D 168 10.30 -2.07 -33.39
CA THR D 168 11.43 -2.87 -33.87
C THR D 168 12.58 -1.98 -34.36
N THR D 169 12.79 -0.85 -33.70
CA THR D 169 13.85 0.06 -34.08
C THR D 169 14.44 0.74 -32.85
N CYS D 170 15.66 1.26 -33.03
CA CYS D 170 16.31 2.12 -32.08
C CYS D 170 16.74 3.39 -32.81
N ALA D 171 16.76 4.50 -32.09
CA ALA D 171 17.03 5.81 -32.66
C ALA D 171 18.02 6.57 -31.80
N LEU D 172 18.79 7.43 -32.44
CA LEU D 172 19.65 8.40 -31.78
C LEU D 172 19.10 9.79 -32.03
N TRP D 173 18.94 10.57 -30.97
CA TRP D 173 18.32 11.88 -31.04
C TRP D 173 19.30 12.94 -30.57
N ASP D 174 19.38 14.03 -31.33
CA ASP D 174 19.98 15.27 -30.89
C ASP D 174 18.87 16.09 -30.23
N ILE D 175 19.09 16.45 -28.96
CA ILE D 175 18.03 17.06 -28.17
C ILE D 175 17.87 18.53 -28.53
N GLU D 176 18.98 19.24 -28.75
CA GLU D 176 18.90 20.65 -29.09
C GLU D 176 18.06 20.85 -30.34
N THR D 177 18.35 20.09 -31.41
CA THR D 177 17.51 20.12 -32.60
C THR D 177 16.31 19.20 -32.48
N GLY D 178 16.32 18.28 -31.52
CA GLY D 178 15.23 17.34 -31.35
C GLY D 178 14.99 16.52 -32.60
N GLN D 179 16.06 15.99 -33.19
CA GLN D 179 15.98 15.32 -34.47
C GLN D 179 16.72 13.99 -34.42
N GLN D 180 16.24 13.04 -35.22
CA GLN D 180 16.84 11.71 -35.29
C GLN D 180 18.07 11.78 -36.19
N THR D 181 19.26 11.67 -35.58
CA THR D 181 20.50 11.66 -36.34
C THR D 181 20.75 10.30 -36.98
N THR D 182 20.26 9.23 -36.37
CA THR D 182 20.47 7.88 -36.89
C THR D 182 19.30 7.01 -36.48
N THR D 183 18.91 6.10 -37.37
CA THR D 183 17.88 5.12 -37.10
C THR D 183 18.46 3.73 -37.28
N PHE D 184 18.19 2.85 -36.33
CA PHE D 184 18.75 1.50 -36.31
C PHE D 184 17.63 0.51 -36.61
N THR D 185 17.86 -0.35 -37.61
CA THR D 185 16.83 -1.23 -38.13
C THR D 185 17.39 -2.63 -38.31
N GLY D 186 16.50 -3.62 -38.20
CA GLY D 186 16.90 -5.01 -38.35
C GLY D 186 16.17 -5.95 -37.41
N HIS D 187 15.79 -5.46 -36.24
CA HIS D 187 15.03 -6.26 -35.30
C HIS D 187 13.66 -6.61 -35.89
N THR D 188 13.24 -7.85 -35.69
CA THR D 188 11.93 -8.30 -36.17
C THR D 188 10.83 -8.04 -35.15
N GLY D 189 11.10 -8.30 -33.87
CA GLY D 189 10.14 -8.05 -32.81
C GLY D 189 10.31 -6.68 -32.18
N ASP D 190 9.53 -6.45 -31.12
CA ASP D 190 9.63 -5.20 -30.37
C ASP D 190 10.92 -5.17 -29.57
N VAL D 191 11.63 -4.06 -29.65
CA VAL D 191 12.86 -3.87 -28.88
C VAL D 191 12.47 -3.45 -27.46
N MET D 192 12.90 -4.23 -26.48
CA MET D 192 12.44 -4.03 -25.10
C MET D 192 13.47 -3.38 -24.18
N SER D 193 14.76 -3.38 -24.55
CA SER D 193 15.77 -2.80 -23.69
C SER D 193 17.00 -2.45 -24.52
N LEU D 194 17.71 -1.42 -24.10
CA LEU D 194 18.95 -1.00 -24.74
C LEU D 194 19.93 -0.60 -23.65
N SER D 195 21.21 -0.86 -23.90
CA SER D 195 22.28 -0.52 -22.96
C SER D 195 23.39 0.17 -23.73
N LEU D 196 23.68 1.42 -23.36
CA LEU D 196 24.78 2.15 -23.97
C LEU D 196 26.11 1.62 -23.44
N ALA D 197 27.09 1.54 -24.32
CA ALA D 197 28.40 1.04 -23.93
C ALA D 197 29.09 2.04 -23.02
N PRO D 198 30.04 1.59 -22.20
CA PRO D 198 30.77 2.53 -21.34
C PRO D 198 31.48 3.62 -22.13
N ASP D 199 31.99 3.30 -23.32
CA ASP D 199 32.62 4.32 -24.15
C ASP D 199 31.59 5.18 -24.86
N THR D 200 30.35 4.70 -24.96
CA THR D 200 29.22 5.35 -25.59
C THR D 200 29.28 5.23 -27.11
N ARG D 201 30.25 4.50 -27.66
CA ARG D 201 30.35 4.37 -29.11
C ARG D 201 29.30 3.39 -29.66
N LEU D 202 29.04 2.31 -28.95
CA LEU D 202 28.13 1.26 -29.39
C LEU D 202 27.00 1.08 -28.39
N PHE D 203 26.01 0.29 -28.78
CA PHE D 203 24.99 -0.13 -27.84
C PHE D 203 24.29 -1.38 -28.35
N VAL D 204 23.82 -2.20 -27.42
CA VAL D 204 23.16 -3.46 -27.75
C VAL D 204 21.68 -3.34 -27.41
N SER D 205 20.86 -4.05 -28.18
CA SER D 205 19.43 -4.05 -27.95
C SER D 205 18.86 -5.45 -28.15
N GLY D 206 17.96 -5.84 -27.23
CA GLY D 206 17.24 -7.09 -27.35
C GLY D 206 15.77 -6.82 -27.61
N ALA D 207 15.13 -7.74 -28.33
CA ALA D 207 13.76 -7.54 -28.77
C ALA D 207 12.95 -8.80 -28.53
N CYS D 208 11.67 -8.74 -28.94
CA CYS D 208 10.77 -9.88 -28.78
C CYS D 208 11.05 -11.01 -29.75
N ASP D 209 11.86 -10.77 -30.78
CA ASP D 209 12.24 -11.82 -31.70
C ASP D 209 13.27 -12.77 -31.11
N ALA D 210 13.58 -12.64 -29.82
CA ALA D 210 14.54 -13.52 -29.16
C ALA D 210 15.92 -13.39 -29.79
N SER D 211 16.34 -12.15 -30.04
CA SER D 211 17.65 -11.88 -30.59
C SER D 211 18.17 -10.57 -30.04
N ALA D 212 19.50 -10.47 -29.96
CA ALA D 212 20.18 -9.25 -29.55
C ALA D 212 21.05 -8.76 -30.71
N LYS D 213 21.13 -7.45 -30.87
CA LYS D 213 21.89 -6.84 -31.95
C LYS D 213 22.76 -5.71 -31.39
N LEU D 214 24.01 -5.67 -31.85
CA LEU D 214 24.95 -4.63 -31.48
C LEU D 214 25.00 -3.59 -32.60
N TRP D 215 24.95 -2.32 -32.22
CA TRP D 215 24.85 -1.21 -33.15
C TRP D 215 25.94 -0.19 -32.89
N ASP D 216 26.55 0.30 -33.96
CA ASP D 216 27.50 1.40 -33.91
C ASP D 216 26.72 2.72 -33.96
N VAL D 217 26.92 3.56 -32.94
CA VAL D 217 26.14 4.80 -32.84
C VAL D 217 26.44 5.73 -33.99
N ARG D 218 27.72 5.90 -34.33
CA ARG D 218 28.10 6.84 -35.38
C ARG D 218 27.75 6.31 -36.77
N GLU D 219 28.06 5.03 -37.03
CA GLU D 219 27.86 4.49 -38.37
C GLU D 219 26.39 4.22 -38.66
N GLY D 220 25.64 3.78 -37.66
CA GLY D 220 24.23 3.51 -37.82
C GLY D 220 23.89 2.13 -38.35
N MET D 221 24.86 1.25 -38.49
CA MET D 221 24.65 -0.10 -39.01
C MET D 221 24.63 -1.11 -37.87
N CYS D 222 24.27 -2.35 -38.21
CA CYS D 222 24.26 -3.45 -37.25
C CYS D 222 25.56 -4.21 -37.39
N ARG D 223 26.41 -4.11 -36.36
CA ARG D 223 27.70 -4.81 -36.41
C ARG D 223 27.56 -6.29 -36.12
N GLN D 224 26.64 -6.69 -35.24
CA GLN D 224 26.48 -8.08 -34.88
C GLN D 224 25.02 -8.36 -34.55
N THR D 225 24.66 -9.63 -34.62
CA THR D 225 23.32 -10.09 -34.24
C THR D 225 23.46 -11.41 -33.50
N PHE D 226 22.70 -11.56 -32.41
CA PHE D 226 22.79 -12.72 -31.54
C PHE D 226 21.41 -13.34 -31.37
N THR D 227 21.36 -14.67 -31.34
CA THR D 227 20.10 -15.39 -31.17
C THR D 227 20.39 -16.65 -30.36
N GLY D 228 19.96 -16.66 -29.11
CA GLY D 228 20.06 -17.83 -28.27
C GLY D 228 18.79 -18.12 -27.49
N HIS D 229 17.85 -17.16 -27.50
CA HIS D 229 16.63 -17.25 -26.72
C HIS D 229 15.50 -17.85 -27.56
N GLU D 230 14.55 -18.46 -26.87
CA GLU D 230 13.33 -18.99 -27.49
C GLU D 230 12.10 -18.28 -26.94
N SER D 231 12.26 -17.02 -26.57
CA SER D 231 11.17 -16.19 -26.06
C SER D 231 11.65 -14.74 -26.07
N ASP D 232 10.71 -13.84 -25.79
CA ASP D 232 11.01 -12.41 -25.85
C ASP D 232 12.10 -12.04 -24.84
N ILE D 233 13.04 -11.20 -25.29
CA ILE D 233 14.08 -10.64 -24.42
C ILE D 233 13.55 -9.34 -23.85
N ASN D 234 13.45 -9.26 -22.53
CA ASN D 234 12.82 -8.13 -21.87
C ASN D 234 13.81 -7.12 -21.30
N ALA D 235 15.03 -7.54 -20.98
CA ALA D 235 16.02 -6.65 -20.39
C ALA D 235 17.37 -6.90 -21.05
N ILE D 236 18.17 -5.85 -21.19
CA ILE D 236 19.53 -5.96 -21.72
C ILE D 236 20.42 -4.99 -20.94
N CYS D 237 21.60 -5.47 -20.56
CA CYS D 237 22.53 -4.65 -19.80
C CYS D 237 23.95 -4.91 -20.29
N PHE D 238 24.69 -3.83 -20.52
CA PHE D 238 26.08 -3.94 -20.95
C PHE D 238 26.99 -4.31 -19.78
N PHE D 239 27.88 -5.25 -20.01
CA PHE D 239 28.93 -5.55 -19.05
C PHE D 239 29.82 -4.32 -18.89
N PRO D 240 30.27 -4.02 -17.67
CA PRO D 240 31.08 -2.79 -17.48
C PRO D 240 32.30 -2.74 -18.36
N ASN D 241 32.90 -3.89 -18.71
CA ASN D 241 34.01 -3.90 -19.64
C ASN D 241 33.61 -3.33 -21.00
N GLY D 242 32.35 -3.48 -21.39
CA GLY D 242 31.89 -3.05 -22.69
C GLY D 242 32.12 -4.04 -23.81
N ASN D 243 32.61 -5.24 -23.51
CA ASN D 243 32.88 -6.24 -24.53
C ASN D 243 31.95 -7.44 -24.38
N ALA D 244 30.75 -7.20 -23.86
CA ALA D 244 29.75 -8.24 -23.66
C ALA D 244 28.45 -7.64 -23.16
N PHE D 245 27.45 -8.46 -22.95
CA PHE D 245 26.19 -7.98 -22.38
C PHE D 245 25.39 -9.18 -21.89
N ALA D 246 24.30 -8.87 -21.18
CA ALA D 246 23.40 -9.89 -20.66
C ALA D 246 21.97 -9.53 -21.06
N THR D 247 21.18 -10.56 -21.36
CA THR D 247 19.80 -10.42 -21.79
C THR D 247 18.90 -11.29 -20.93
N GLY D 248 17.81 -10.71 -20.44
CA GLY D 248 16.80 -11.42 -19.67
C GLY D 248 15.51 -11.48 -20.47
N SER D 249 14.93 -12.68 -20.56
CA SER D 249 13.83 -12.94 -21.47
C SER D 249 12.67 -13.61 -20.74
N ASP D 250 11.56 -13.76 -21.46
CA ASP D 250 10.41 -14.50 -20.95
C ASP D 250 10.69 -15.99 -20.85
N ASP D 251 11.81 -16.46 -21.38
CA ASP D 251 12.21 -17.85 -21.26
C ASP D 251 12.44 -18.27 -19.81
N ALA D 252 12.33 -17.36 -18.85
CA ALA D 252 12.66 -17.62 -17.46
C ALA D 252 14.14 -17.89 -17.28
N THR D 253 14.96 -17.38 -18.20
CA THR D 253 16.40 -17.50 -18.10
C THR D 253 17.05 -16.21 -18.56
N CYS D 254 18.26 -15.98 -18.07
CA CYS D 254 19.14 -14.94 -18.58
C CYS D 254 20.17 -15.58 -19.49
N ARG D 255 20.85 -14.75 -20.28
CA ARG D 255 21.91 -15.26 -21.14
C ARG D 255 22.95 -14.17 -21.36
N LEU D 256 24.20 -14.53 -21.12
CA LEU D 256 25.34 -13.64 -21.29
C LEU D 256 25.97 -13.90 -22.66
N PHE D 257 26.02 -12.86 -23.48
CA PHE D 257 26.63 -12.89 -24.80
C PHE D 257 27.91 -12.06 -24.78
N ASP D 258 28.81 -12.39 -25.70
CA ASP D 258 30.00 -11.57 -25.96
C ASP D 258 29.84 -10.88 -27.30
N LEU D 259 30.77 -9.95 -27.57
CA LEU D 259 30.79 -9.21 -28.82
C LEU D 259 31.93 -9.61 -29.74
N ARG D 260 33.08 -9.97 -29.18
CA ARG D 260 34.22 -10.39 -29.98
C ARG D 260 34.09 -11.82 -30.48
N ALA D 261 33.21 -12.62 -29.88
CA ALA D 261 32.97 -13.99 -30.31
C ALA D 261 31.70 -14.14 -31.14
N ASP D 262 30.70 -13.29 -30.91
CA ASP D 262 29.47 -13.30 -31.71
C ASP D 262 28.68 -14.60 -31.49
N GLN D 263 28.46 -14.92 -30.21
CA GLN D 263 27.64 -16.07 -29.85
C GLN D 263 27.43 -16.07 -28.34
N GLU D 264 26.36 -16.73 -27.91
CA GLU D 264 26.04 -16.77 -26.48
C GLU D 264 27.15 -17.47 -25.71
N LEU D 265 27.39 -17.01 -24.49
CA LEU D 265 28.41 -17.59 -23.62
C LEU D 265 27.82 -18.32 -22.42
N MET D 266 26.78 -17.78 -21.80
CA MET D 266 26.24 -18.40 -20.59
C MET D 266 24.72 -18.29 -20.59
N THR D 267 24.07 -19.23 -19.91
CA THR D 267 22.64 -19.15 -19.64
C THR D 267 22.41 -19.36 -18.15
N TYR D 268 21.53 -18.55 -17.57
CA TYR D 268 21.20 -18.57 -16.15
C TYR D 268 19.75 -19.01 -16.00
N SER D 269 19.54 -20.21 -15.46
CA SER D 269 18.21 -20.76 -15.29
C SER D 269 18.14 -21.57 -14.00
N HIS D 270 16.92 -21.73 -13.50
CA HIS D 270 16.65 -22.60 -12.36
C HIS D 270 15.39 -23.40 -12.66
N ASP D 271 15.36 -24.65 -12.19
CA ASP D 271 14.20 -25.50 -12.41
C ASP D 271 12.96 -24.90 -11.77
N ASN D 272 13.09 -24.41 -10.53
CA ASN D 272 11.96 -23.78 -9.86
C ASN D 272 11.63 -22.42 -10.45
N ILE D 273 12.54 -21.82 -11.21
CA ILE D 273 12.33 -20.51 -11.82
C ILE D 273 11.65 -20.75 -13.16
N ILE D 274 10.35 -20.46 -13.22
CA ILE D 274 9.60 -20.49 -14.48
C ILE D 274 9.08 -19.12 -14.87
N CYS D 275 9.14 -18.14 -13.99
CA CYS D 275 8.76 -16.77 -14.32
C CYS D 275 9.80 -16.13 -15.22
N GLY D 276 9.37 -15.13 -15.98
CA GLY D 276 10.28 -14.39 -16.83
C GLY D 276 11.19 -13.47 -16.03
N ILE D 277 12.16 -12.90 -16.74
CA ILE D 277 13.11 -11.96 -16.16
C ILE D 277 12.66 -10.56 -16.54
N THR D 278 12.23 -9.78 -15.54
CA THR D 278 11.73 -8.44 -15.79
C THR D 278 12.87 -7.47 -16.08
N SER D 279 13.98 -7.58 -15.35
CA SER D 279 15.07 -6.63 -15.49
C SER D 279 16.38 -7.30 -15.16
N VAL D 280 17.48 -6.70 -15.62
CA VAL D 280 18.82 -7.15 -15.30
C VAL D 280 19.73 -5.94 -15.17
N SER D 281 20.80 -6.11 -14.39
CA SER D 281 21.82 -5.09 -14.25
C SER D 281 23.08 -5.76 -13.73
N PHE D 282 24.17 -5.01 -13.78
CA PHE D 282 25.48 -5.52 -13.35
C PHE D 282 26.02 -4.65 -12.22
N SER D 283 26.75 -5.30 -11.31
CA SER D 283 27.45 -4.58 -10.28
C SER D 283 28.64 -3.83 -10.88
N LYS D 284 29.36 -3.09 -10.04
CA LYS D 284 30.53 -2.37 -10.52
C LYS D 284 31.59 -3.32 -11.05
N SER D 285 31.78 -4.46 -10.38
CA SER D 285 32.73 -5.45 -10.85
C SER D 285 32.24 -6.21 -12.07
N GLY D 286 30.94 -6.21 -12.33
CA GLY D 286 30.36 -7.07 -13.33
C GLY D 286 30.33 -8.53 -12.95
N ARG D 287 30.74 -8.87 -11.72
CA ARG D 287 30.78 -10.27 -11.31
C ARG D 287 29.44 -10.74 -10.80
N LEU D 288 28.48 -9.85 -10.60
CA LEU D 288 27.16 -10.18 -10.07
C LEU D 288 26.12 -9.63 -11.01
N LEU D 289 25.52 -10.50 -11.82
CA LEU D 289 24.40 -10.14 -12.67
C LEU D 289 23.14 -10.22 -11.80
N LEU D 290 22.58 -9.07 -11.46
CA LEU D 290 21.39 -9.03 -10.63
C LEU D 290 20.17 -8.98 -11.53
N ALA D 291 19.23 -9.89 -11.33
CA ALA D 291 18.05 -10.00 -12.16
C ALA D 291 16.79 -9.88 -11.32
N GLY D 292 15.84 -9.11 -11.81
CA GLY D 292 14.54 -8.97 -11.18
C GLY D 292 13.49 -9.73 -11.96
N TYR D 293 12.86 -10.70 -11.29
CA TYR D 293 11.92 -11.63 -11.90
C TYR D 293 10.49 -11.21 -11.63
N ASP D 294 9.54 -12.04 -12.08
CA ASP D 294 8.12 -11.81 -11.82
C ASP D 294 7.63 -12.54 -10.57
N ASP D 295 8.46 -13.37 -9.93
CA ASP D 295 8.06 -14.08 -8.72
C ASP D 295 8.21 -13.24 -7.47
N PHE D 296 8.36 -11.92 -7.62
CA PHE D 296 8.39 -10.94 -6.53
C PHE D 296 9.74 -10.89 -5.83
N ASN D 297 10.82 -11.37 -6.44
CA ASN D 297 12.14 -11.33 -5.84
C ASN D 297 13.20 -11.20 -6.93
N CYS D 298 14.41 -10.85 -6.51
CA CYS D 298 15.55 -10.72 -7.39
C CYS D 298 16.59 -11.77 -7.05
N ASN D 299 17.27 -12.26 -8.09
CA ASN D 299 18.32 -13.26 -7.93
C ASN D 299 19.66 -12.65 -8.30
N VAL D 300 20.66 -12.93 -7.47
CA VAL D 300 22.02 -12.42 -7.69
C VAL D 300 22.80 -13.55 -8.34
N TRP D 301 22.79 -13.57 -9.67
CA TRP D 301 23.50 -14.60 -10.41
C TRP D 301 24.99 -14.29 -10.44
N ASP D 302 25.81 -15.31 -10.23
CA ASP D 302 27.24 -15.20 -10.48
C ASP D 302 27.46 -15.22 -11.98
N ALA D 303 27.75 -14.05 -12.56
CA ALA D 303 27.81 -13.95 -14.01
C ALA D 303 28.83 -14.90 -14.61
N LEU D 304 29.81 -15.32 -13.80
CA LEU D 304 30.83 -16.24 -14.27
C LEU D 304 30.43 -17.69 -14.04
N LYS D 305 29.58 -17.94 -13.02
CA LYS D 305 29.16 -19.28 -12.67
C LYS D 305 27.69 -19.55 -12.92
N ALA D 306 26.89 -18.50 -13.16
CA ALA D 306 25.46 -18.65 -13.42
C ALA D 306 24.76 -19.42 -12.30
N ASP D 307 25.07 -19.05 -11.06
CA ASP D 307 24.45 -19.64 -9.88
C ASP D 307 23.84 -18.53 -9.04
N ARG D 308 22.70 -18.82 -8.41
CA ARG D 308 22.04 -17.85 -7.55
C ARG D 308 22.76 -17.74 -6.21
N ALA D 309 23.73 -16.83 -6.13
CA ALA D 309 24.45 -16.61 -4.89
C ALA D 309 23.75 -15.61 -3.97
N GLY D 310 22.52 -15.22 -4.28
CA GLY D 310 21.79 -14.32 -3.41
C GLY D 310 20.38 -14.10 -3.91
N VAL D 311 19.53 -13.63 -3.00
CA VAL D 311 18.14 -13.31 -3.30
C VAL D 311 17.79 -12.01 -2.58
N LEU D 312 17.08 -11.14 -3.29
CA LEU D 312 16.58 -9.89 -2.71
C LEU D 312 15.06 -10.03 -2.62
N ALA D 313 14.61 -10.61 -1.51
CA ALA D 313 13.20 -10.95 -1.31
C ALA D 313 12.62 -10.01 -0.27
N GLY D 314 12.14 -8.85 -0.73
CA GLY D 314 11.47 -7.91 0.15
C GLY D 314 10.30 -7.22 -0.53
N HIS D 315 10.00 -7.62 -1.76
CA HIS D 315 8.96 -6.98 -2.55
C HIS D 315 7.72 -7.86 -2.57
N ASP D 316 6.56 -7.25 -2.32
CA ASP D 316 5.30 -7.98 -2.30
C ASP D 316 4.74 -8.25 -3.68
N ASN D 317 5.31 -7.63 -4.72
CA ASN D 317 4.83 -7.80 -6.08
C ASN D 317 6.03 -7.91 -7.02
N ARG D 318 5.74 -7.97 -8.32
CA ARG D 318 6.77 -8.15 -9.32
C ARG D 318 7.83 -7.06 -9.23
N VAL D 319 9.11 -7.45 -9.31
CA VAL D 319 10.17 -6.47 -9.44
C VAL D 319 10.24 -6.01 -10.89
N SER D 320 10.08 -4.70 -11.10
CA SER D 320 10.04 -4.12 -12.43
C SER D 320 11.38 -3.56 -12.88
N CYS D 321 12.07 -2.83 -12.00
CA CYS D 321 13.32 -2.18 -12.34
C CYS D 321 14.39 -2.57 -11.34
N LEU D 322 15.63 -2.58 -11.81
CA LEU D 322 16.76 -3.03 -10.99
C LEU D 322 18.02 -2.40 -11.56
N GLY D 323 18.63 -1.48 -10.78
CA GLY D 323 19.83 -0.80 -11.22
C GLY D 323 20.86 -0.72 -10.10
N VAL D 324 22.04 -0.25 -10.46
CA VAL D 324 23.17 -0.16 -9.54
C VAL D 324 23.70 1.27 -9.59
N THR D 325 24.41 1.65 -8.53
CA THR D 325 25.08 2.94 -8.50
C THR D 325 26.35 2.89 -9.34
N ASP D 326 26.86 4.07 -9.69
CA ASP D 326 28.09 4.16 -10.45
C ASP D 326 29.32 3.84 -9.63
N ASP D 327 29.23 3.92 -8.29
CA ASP D 327 30.33 3.53 -7.41
C ASP D 327 30.14 2.13 -6.82
N GLY D 328 29.03 1.45 -7.14
CA GLY D 328 28.84 0.09 -6.68
C GLY D 328 28.57 -0.05 -5.20
N MET D 329 28.12 1.01 -4.54
CA MET D 329 27.93 0.99 -3.10
C MET D 329 26.52 0.52 -2.71
N ALA D 330 25.57 0.54 -3.64
CA ALA D 330 24.21 0.11 -3.33
C ALA D 330 23.50 -0.29 -4.61
N VAL D 331 22.45 -1.08 -4.46
CA VAL D 331 21.58 -1.45 -5.57
C VAL D 331 20.19 -0.91 -5.27
N ALA D 332 19.44 -0.64 -6.33
CA ALA D 332 18.07 -0.17 -6.20
C ALA D 332 17.14 -1.10 -6.97
N THR D 333 16.02 -1.43 -6.34
CA THR D 333 15.02 -2.33 -6.93
C THR D 333 13.65 -1.71 -6.75
N GLY D 334 12.91 -1.59 -7.84
CA GLY D 334 11.55 -1.09 -7.81
C GLY D 334 10.60 -2.16 -8.30
N SER D 335 9.51 -2.37 -7.57
CA SER D 335 8.57 -3.45 -7.83
C SER D 335 7.19 -2.88 -8.08
N TRP D 336 6.27 -3.79 -8.44
CA TRP D 336 4.88 -3.41 -8.66
C TRP D 336 4.15 -3.11 -7.36
N ASP D 337 4.76 -3.37 -6.21
CA ASP D 337 4.16 -3.05 -4.92
C ASP D 337 4.23 -1.56 -4.60
N SER D 338 4.78 -0.74 -5.49
CA SER D 338 4.79 0.71 -5.40
C SER D 338 5.86 1.25 -4.46
N PHE D 339 6.79 0.42 -4.00
CA PHE D 339 7.87 0.86 -3.14
C PHE D 339 9.21 0.62 -3.82
N LEU D 340 10.04 1.67 -3.85
CA LEU D 340 11.42 1.55 -4.27
C LEU D 340 12.29 1.24 -3.05
N LYS D 341 13.25 0.35 -3.24
CA LYS D 341 14.09 -0.09 -2.14
C LYS D 341 15.55 0.01 -2.55
N ILE D 342 16.39 0.45 -1.61
CA ILE D 342 17.84 0.44 -1.78
C ILE D 342 18.38 -0.68 -0.89
N TRP D 343 19.18 -1.55 -1.48
CA TRP D 343 19.72 -2.73 -0.81
C TRP D 343 21.24 -2.65 -0.80
N ASN D 344 21.82 -3.15 0.29
CA ASN D 344 23.27 -3.21 0.43
C ASN D 344 23.68 -4.03 1.64
N GLN E 11 12.53 -6.32 -48.11
CA GLN E 11 12.88 -7.12 -49.32
C GLN E 11 13.97 -8.14 -49.00
N ALA E 12 14.10 -9.15 -49.85
CA ALA E 12 15.12 -10.17 -49.65
C ALA E 12 16.52 -9.65 -49.94
N ARG E 13 16.66 -8.69 -50.86
CA ARG E 13 17.97 -8.15 -51.19
C ARG E 13 18.63 -7.51 -49.98
N LYS E 14 17.86 -6.69 -49.24
CA LYS E 14 18.41 -6.06 -48.05
C LYS E 14 18.77 -7.09 -47.00
N LEU E 15 17.94 -8.13 -46.87
CA LEU E 15 18.22 -9.17 -45.89
C LEU E 15 19.53 -9.88 -46.21
N VAL E 16 19.73 -10.23 -47.48
CA VAL E 16 20.96 -10.93 -47.85
C VAL E 16 22.16 -10.00 -47.69
N GLU E 17 22.00 -8.72 -48.01
CA GLU E 17 23.11 -7.78 -47.83
C GLU E 17 23.50 -7.67 -46.36
N GLN E 18 22.50 -7.56 -45.48
CA GLN E 18 22.78 -7.47 -44.05
C GLN E 18 23.41 -8.75 -43.53
N LEU E 19 22.92 -9.91 -43.99
CA LEU E 19 23.51 -11.18 -43.57
C LEU E 19 24.96 -11.28 -44.02
N LYS E 20 25.25 -10.86 -45.25
CA LYS E 20 26.63 -10.90 -45.73
C LYS E 20 27.52 -9.96 -44.93
N MET E 21 27.02 -8.76 -44.61
CA MET E 21 27.79 -7.83 -43.80
C MET E 21 28.08 -8.42 -42.42
N GLU E 22 27.08 -9.04 -41.80
CA GLU E 22 27.26 -9.65 -40.49
C GLU E 22 28.20 -10.84 -40.55
N ALA E 23 28.21 -11.57 -41.67
CA ALA E 23 29.11 -12.71 -41.80
C ALA E 23 30.55 -12.29 -42.04
N ASN E 24 30.76 -11.24 -42.83
CA ASN E 24 32.11 -10.80 -43.20
C ASN E 24 32.63 -9.84 -42.12
N ILE E 25 32.85 -10.39 -40.94
CA ILE E 25 33.39 -9.65 -39.81
C ILE E 25 34.44 -10.51 -39.11
N ASP E 26 35.31 -9.84 -38.35
CA ASP E 26 36.31 -10.53 -37.57
C ASP E 26 35.65 -11.18 -36.36
N ARG E 27 36.14 -12.37 -36.01
CA ARG E 27 35.63 -13.12 -34.87
C ARG E 27 36.79 -13.74 -34.11
N ILE E 28 36.60 -13.91 -32.80
CA ILE E 28 37.63 -14.45 -31.92
C ILE E 28 37.04 -15.62 -31.16
N LYS E 29 37.94 -16.47 -30.64
CA LYS E 29 37.51 -17.68 -29.96
C LYS E 29 36.73 -17.34 -28.69
N VAL E 30 35.66 -18.10 -28.44
CA VAL E 30 34.80 -17.83 -27.30
C VAL E 30 35.56 -17.97 -26.00
N SER E 31 36.60 -18.82 -25.95
CA SER E 31 37.39 -18.93 -24.74
C SER E 31 38.02 -17.59 -24.39
N LYS E 32 38.70 -16.96 -25.35
CA LYS E 32 39.29 -15.65 -25.11
C LYS E 32 38.21 -14.60 -24.86
N ALA E 33 37.08 -14.71 -25.56
CA ALA E 33 35.99 -13.75 -25.35
C ALA E 33 35.52 -13.77 -23.89
N ALA E 34 35.38 -14.96 -23.32
CA ALA E 34 34.94 -15.07 -21.93
C ALA E 34 36.07 -14.71 -20.97
N ALA E 35 37.32 -15.03 -21.33
CA ALA E 35 38.45 -14.62 -20.52
C ALA E 35 38.53 -13.11 -20.38
N ASP E 36 38.14 -12.37 -21.41
CA ASP E 36 38.09 -10.92 -21.29
C ASP E 36 37.18 -10.49 -20.15
N LEU E 37 35.95 -11.01 -20.12
CA LEU E 37 35.02 -10.66 -19.04
C LEU E 37 35.53 -11.13 -17.68
N MET E 38 36.11 -12.32 -17.60
CA MET E 38 36.66 -12.78 -16.33
C MET E 38 37.77 -11.84 -15.84
N ALA E 39 38.66 -11.44 -16.74
CA ALA E 39 39.75 -10.55 -16.37
C ALA E 39 39.23 -9.21 -15.91
N TYR E 40 38.22 -8.67 -16.61
CA TYR E 40 37.69 -7.38 -16.17
C TYR E 40 36.95 -7.50 -14.84
N CYS E 41 36.27 -8.63 -14.62
CA CYS E 41 35.62 -8.84 -13.33
C CYS E 41 36.64 -8.84 -12.21
N GLU E 42 37.78 -9.52 -12.41
CA GLU E 42 38.83 -9.46 -11.41
C GLU E 42 39.42 -8.05 -11.30
N ALA E 43 39.48 -7.32 -12.42
CA ALA E 43 40.03 -5.97 -12.40
C ALA E 43 39.21 -5.04 -11.51
N HIS E 44 37.88 -5.13 -11.61
CA HIS E 44 36.98 -4.32 -10.79
C HIS E 44 36.44 -5.09 -9.59
N ALA E 45 37.03 -6.25 -9.28
CA ALA E 45 36.52 -7.06 -8.17
C ALA E 45 36.69 -6.36 -6.82
N LYS E 46 37.78 -5.64 -6.64
CA LYS E 46 38.12 -5.06 -5.34
C LYS E 46 37.52 -3.68 -5.13
N GLU E 47 36.55 -3.28 -5.95
CA GLU E 47 35.96 -1.95 -5.83
C GLU E 47 34.43 -1.97 -5.81
N ASP E 48 33.81 -3.13 -5.64
CA ASP E 48 32.36 -3.24 -5.63
C ASP E 48 31.87 -3.59 -4.23
N PRO E 49 31.36 -2.63 -3.46
CA PRO E 49 30.78 -2.97 -2.15
C PRO E 49 29.65 -3.98 -2.24
N LEU E 50 28.91 -4.01 -3.35
CA LEU E 50 27.82 -4.98 -3.49
C LEU E 50 28.31 -6.41 -3.42
N LEU E 51 29.60 -6.65 -3.63
CA LEU E 51 30.19 -7.98 -3.51
C LEU E 51 30.84 -8.18 -2.14
N THR E 52 31.73 -7.27 -1.75
CA THR E 52 32.31 -7.28 -0.41
C THR E 52 31.77 -6.10 0.37
N PRO E 53 30.96 -6.31 1.42
CA PRO E 53 30.36 -5.17 2.10
C PRO E 53 31.41 -4.20 2.61
N VAL E 54 31.10 -2.91 2.49
CA VAL E 54 31.99 -1.83 2.93
C VAL E 54 31.74 -1.58 4.41
N PRO E 55 32.65 -0.92 5.11
CA PRO E 55 32.42 -0.64 6.54
C PRO E 55 31.18 0.23 6.74
N ALA E 56 30.50 0.01 7.86
CA ALA E 56 29.27 0.74 8.13
C ALA E 56 29.49 2.25 8.13
N SER E 57 30.66 2.70 8.58
CA SER E 57 30.94 4.14 8.57
C SER E 57 31.01 4.68 7.15
N GLU E 58 31.65 3.96 6.23
CA GLU E 58 31.79 4.43 4.86
C GLU E 58 30.49 4.30 4.07
N ASN E 59 29.68 3.32 4.38
CA ASN E 59 28.43 3.10 3.65
C ASN E 59 27.49 4.27 3.89
N PRO E 60 27.03 4.98 2.85
CA PRO E 60 26.07 6.06 3.09
C PRO E 60 24.79 5.59 3.74
N PHE E 61 24.37 4.36 3.44
CA PHE E 61 23.10 3.85 3.94
C PHE E 61 23.29 3.05 5.22
N VAL F 2 14.27 36.96 -12.64
CA VAL F 2 14.31 36.93 -11.15
C VAL F 2 14.48 38.33 -10.60
N GLN F 3 13.41 38.89 -10.05
CA GLN F 3 13.45 40.23 -9.48
C GLN F 3 12.85 40.21 -8.08
N LEU F 4 13.48 40.94 -7.17
CA LEU F 4 13.01 41.11 -5.79
C LEU F 4 13.00 42.60 -5.51
N VAL F 5 11.86 43.26 -5.73
CA VAL F 5 11.75 44.70 -5.57
C VAL F 5 11.22 45.00 -4.19
N GLU F 6 11.91 45.88 -3.46
CA GLU F 6 11.64 46.11 -2.05
C GLU F 6 11.14 47.54 -1.84
N SER F 7 10.15 47.68 -0.97
CA SER F 7 9.50 48.96 -0.70
C SER F 7 9.34 49.15 0.80
N GLY F 8 9.26 50.41 1.20
CA GLY F 8 9.18 50.79 2.60
C GLY F 8 9.99 52.03 2.89
N GLY F 9 10.84 51.98 3.90
CA GLY F 9 11.72 53.10 4.17
C GLY F 9 10.96 54.33 4.61
N GLY F 10 11.61 55.48 4.41
CA GLY F 10 11.06 56.77 4.78
C GLY F 10 11.52 57.20 6.16
N LEU F 11 11.11 58.42 6.52
CA LEU F 11 11.47 58.98 7.82
C LEU F 11 10.48 58.52 8.88
N VAL F 12 11.01 58.12 10.04
CA VAL F 12 10.21 57.58 11.12
C VAL F 12 10.68 58.18 12.44
N GLN F 13 9.72 58.59 13.27
CA GLN F 13 10.03 59.05 14.62
C GLN F 13 10.41 57.85 15.49
N PRO F 14 11.40 57.98 16.37
CA PRO F 14 11.76 56.85 17.24
C PRO F 14 10.57 56.37 18.07
N GLY F 15 10.50 55.05 18.25
CA GLY F 15 9.40 54.45 18.97
C GLY F 15 8.19 54.12 18.14
N GLY F 16 8.23 54.40 16.84
CA GLY F 16 7.13 54.11 15.94
C GLY F 16 7.22 52.72 15.35
N SER F 17 6.45 52.51 14.28
CA SER F 17 6.42 51.23 13.59
C SER F 17 6.37 51.46 12.09
N ARG F 18 6.89 50.50 11.34
CA ARG F 18 6.88 50.56 9.88
C ARG F 18 6.84 49.14 9.33
N LYS F 19 6.40 49.03 8.08
CA LYS F 19 6.23 47.75 7.40
C LYS F 19 7.05 47.74 6.13
N LEU F 20 7.94 46.77 5.99
CA LEU F 20 8.76 46.60 4.80
C LEU F 20 8.18 45.48 3.94
N SER F 21 8.20 45.66 2.62
CA SER F 21 7.66 44.68 1.70
C SER F 21 8.71 44.33 0.65
N CYS F 22 8.66 43.08 0.19
CA CYS F 22 9.53 42.58 -0.87
C CYS F 22 8.69 41.76 -1.83
N SER F 23 8.44 42.31 -3.01
CA SER F 23 7.66 41.62 -4.05
C SER F 23 8.61 40.87 -4.97
N ALA F 24 8.34 39.58 -5.14
CA ALA F 24 9.15 38.69 -5.98
C ALA F 24 8.44 38.43 -7.30
N SER F 25 9.22 38.38 -8.38
CA SER F 25 8.66 38.11 -9.69
C SER F 25 9.76 37.49 -10.56
N GLY F 26 9.60 36.22 -10.90
CA GLY F 26 10.53 35.56 -11.80
C GLY F 26 10.94 34.16 -11.39
N PHE F 27 10.39 33.65 -10.28
CA PHE F 27 10.74 32.31 -9.82
C PHE F 27 9.58 31.77 -8.98
N ALA F 28 9.70 30.49 -8.61
CA ALA F 28 8.66 29.80 -7.85
C ALA F 28 8.79 30.21 -6.37
N PHE F 29 8.22 31.37 -6.05
CA PHE F 29 8.33 31.92 -4.71
C PHE F 29 7.94 30.90 -3.65
N SER F 30 6.86 30.15 -3.89
CA SER F 30 6.36 29.24 -2.86
C SER F 30 7.41 28.22 -2.44
N SER F 31 8.37 27.91 -3.30
CA SER F 31 9.38 26.91 -3.01
C SER F 31 10.64 27.51 -2.41
N PHE F 32 10.69 28.81 -2.19
CA PHE F 32 11.88 29.49 -1.70
C PHE F 32 11.65 30.01 -0.30
N GLY F 33 12.67 29.89 0.56
CA GLY F 33 12.65 30.50 1.87
C GLY F 33 13.24 31.90 1.79
N MET F 34 12.59 32.84 2.48
CA MET F 34 12.96 34.23 2.38
C MET F 34 13.73 34.69 3.60
N HIS F 35 14.63 35.65 3.40
CA HIS F 35 15.48 36.20 4.44
C HIS F 35 15.47 37.72 4.35
N TRP F 36 15.71 38.36 5.48
CA TRP F 36 15.91 39.81 5.56
C TRP F 36 17.30 40.09 6.08
N VAL F 37 18.03 40.96 5.40
CA VAL F 37 19.39 41.33 5.79
C VAL F 37 19.53 42.83 5.65
N ARG F 38 19.93 43.51 6.72
CA ARG F 38 20.10 44.95 6.71
C ARG F 38 21.58 45.31 6.68
N GLN F 39 21.83 46.59 6.46
CA GLN F 39 23.19 47.12 6.40
C GLN F 39 23.19 48.53 6.96
N ALA F 40 23.94 48.75 8.03
CA ALA F 40 24.02 50.06 8.66
C ALA F 40 24.50 51.10 7.64
N PRO F 41 24.40 52.39 7.94
CA PRO F 41 24.80 53.40 6.95
C PRO F 41 26.23 53.23 6.45
N GLU F 42 27.15 52.80 7.32
CA GLU F 42 28.54 52.59 6.92
C GLU F 42 29.14 51.31 7.46
N LYS F 43 28.38 50.49 8.18
CA LYS F 43 28.89 49.24 8.74
C LYS F 43 28.56 48.09 7.79
N GLY F 44 28.77 46.86 8.25
CA GLY F 44 28.57 45.68 7.43
C GLY F 44 27.12 45.22 7.41
N LEU F 45 26.94 43.94 7.09
CA LEU F 45 25.62 43.35 6.94
C LEU F 45 25.19 42.66 8.23
N GLU F 46 23.87 42.52 8.40
CA GLU F 46 23.29 41.97 9.62
C GLU F 46 22.01 41.23 9.27
N TRP F 47 21.98 39.93 9.54
CA TRP F 47 20.77 39.15 9.35
C TRP F 47 19.69 39.64 10.31
N VAL F 48 18.43 39.50 9.89
CA VAL F 48 17.30 40.01 10.67
C VAL F 48 16.30 38.90 10.96
N ALA F 49 15.79 38.27 9.90
CA ALA F 49 14.70 37.31 10.05
C ALA F 49 14.81 36.24 8.97
N TYR F 50 13.90 35.27 9.03
CA TYR F 50 13.88 34.15 8.09
C TYR F 50 12.53 33.47 8.15
N ILE F 51 11.97 33.16 6.99
CA ILE F 51 10.74 32.38 6.87
C ILE F 51 10.95 31.31 5.82
N SER F 52 10.61 30.06 6.14
CA SER F 52 10.83 28.96 5.21
C SER F 52 9.61 28.77 4.32
N SER F 53 9.79 27.94 3.29
CA SER F 53 8.69 27.65 2.37
C SER F 53 7.54 26.99 3.11
N GLY F 54 6.32 27.51 2.89
CA GLY F 54 5.16 27.04 3.59
C GLY F 54 4.97 27.63 4.97
N SER F 55 5.85 28.51 5.41
CA SER F 55 5.78 29.17 6.71
C SER F 55 5.92 28.20 7.87
N GLY F 56 6.45 27.00 7.62
CA GLY F 56 6.57 26.02 8.69
C GLY F 56 7.56 26.45 9.76
N THR F 57 8.69 27.01 9.36
CA THR F 57 9.74 27.45 10.27
C THR F 57 9.98 28.94 10.10
N ILE F 58 10.07 29.66 11.21
CA ILE F 58 10.36 31.09 11.21
C ILE F 58 11.44 31.33 12.26
N TYR F 59 12.38 32.21 11.93
CA TYR F 59 13.46 32.59 12.84
C TYR F 59 13.65 34.10 12.81
N TYR F 60 14.14 34.64 13.93
CA TYR F 60 14.43 36.06 14.06
C TYR F 60 15.81 36.23 14.66
N ALA F 61 16.26 37.48 14.74
CA ALA F 61 17.54 37.82 15.35
C ALA F 61 17.33 38.31 16.77
N ASP F 62 18.19 37.85 17.69
CA ASP F 62 18.06 38.26 19.08
C ASP F 62 18.10 39.78 19.23
N THR F 63 18.82 40.46 18.34
CA THR F 63 18.89 41.91 18.41
C THR F 63 17.53 42.56 18.16
N VAL F 64 16.66 41.89 17.41
CA VAL F 64 15.38 42.47 17.01
C VAL F 64 14.25 41.49 17.30
N LYS F 65 14.55 40.42 18.03
CA LYS F 65 13.54 39.41 18.32
C LYS F 65 12.47 39.99 19.23
N GLY F 66 11.22 39.61 18.98
CA GLY F 66 10.07 40.09 19.74
C GLY F 66 9.38 41.30 19.14
N ARG F 67 10.16 42.25 18.63
CA ARG F 67 9.62 43.45 18.02
C ARG F 67 9.42 43.32 16.51
N PHE F 68 10.13 42.41 15.86
CA PHE F 68 10.00 42.19 14.43
C PHE F 68 9.13 40.97 14.16
N THR F 69 8.39 41.02 13.05
CA THR F 69 7.60 39.89 12.60
C THR F 69 7.84 39.70 11.10
N ILE F 70 7.98 38.44 10.68
CA ILE F 70 8.21 38.11 9.27
C ILE F 70 7.08 37.21 8.81
N SER F 71 6.48 37.57 7.67
CA SER F 71 5.38 36.80 7.10
C SER F 71 5.52 36.79 5.58
N ARG F 72 4.71 35.96 4.93
CA ARG F 72 4.78 35.83 3.48
C ARG F 72 3.41 35.49 2.93
N ASP F 73 3.11 36.00 1.74
CA ASP F 73 1.88 35.70 1.02
C ASP F 73 2.31 35.07 -0.32
N ASP F 74 2.28 33.74 -0.36
CA ASP F 74 2.68 33.03 -1.56
C ASP F 74 1.75 33.31 -2.74
N PRO F 75 0.43 33.22 -2.61
CA PRO F 75 -0.44 33.56 -3.75
C PRO F 75 -0.21 34.97 -4.27
N LYS F 76 0.09 35.93 -3.40
CA LYS F 76 0.44 37.28 -3.84
C LYS F 76 1.92 37.42 -4.15
N ASN F 77 2.73 36.40 -3.86
CA ASN F 77 4.17 36.47 -4.08
C ASN F 77 4.76 37.72 -3.44
N THR F 78 4.64 37.81 -2.11
CA THR F 78 5.17 38.95 -1.39
C THR F 78 5.70 38.49 -0.04
N LEU F 79 6.67 39.24 0.47
CA LEU F 79 7.26 39.00 1.79
C LEU F 79 7.13 40.27 2.61
N PHE F 80 6.77 40.11 3.88
CA PHE F 80 6.44 41.23 4.74
C PHE F 80 7.27 41.18 6.01
N LEU F 81 7.75 42.35 6.44
CA LEU F 81 8.47 42.51 7.69
C LEU F 81 7.82 43.64 8.47
N GLN F 82 7.07 43.28 9.51
CA GLN F 82 6.44 44.26 10.39
C GLN F 82 7.43 44.66 11.48
N MET F 83 7.66 45.97 11.60
CA MET F 83 8.60 46.52 12.57
C MET F 83 7.83 47.19 13.70
N THR F 84 8.30 46.99 14.93
CA THR F 84 7.66 47.57 16.10
C THR F 84 8.74 48.08 17.04
N SER F 85 8.44 49.18 17.73
CA SER F 85 9.35 49.78 18.71
C SER F 85 10.72 50.04 18.09
N LEU F 86 10.71 50.87 17.05
CA LEU F 86 11.93 51.16 16.32
C LEU F 86 12.94 51.86 17.22
N ARG F 87 14.19 51.42 17.14
CA ARG F 87 15.28 51.98 17.92
C ARG F 87 16.21 52.79 17.01
N SER F 88 17.02 53.64 17.64
CA SER F 88 17.98 54.44 16.89
C SER F 88 19.01 53.57 16.19
N GLU F 89 19.15 52.31 16.60
CA GLU F 89 20.05 51.37 15.96
C GLU F 89 19.42 50.65 14.77
N ASP F 90 18.15 50.93 14.47
CA ASP F 90 17.44 50.30 13.37
C ASP F 90 17.36 51.19 12.14
N THR F 91 18.38 52.01 11.90
CA THR F 91 18.49 52.79 10.67
C THR F 91 19.49 52.11 9.76
N ALA F 92 19.04 51.70 8.57
CA ALA F 92 19.87 50.87 7.71
C ALA F 92 19.15 50.67 6.38
N MET F 93 19.84 50.03 5.43
CA MET F 93 19.27 49.62 4.16
C MET F 93 18.92 48.14 4.25
N TYR F 94 17.65 47.82 4.01
CA TYR F 94 17.11 46.48 4.18
C TYR F 94 16.99 45.78 2.83
N TYR F 95 17.44 44.53 2.79
CA TYR F 95 17.40 43.69 1.59
C TYR F 95 16.62 42.43 1.89
N CYS F 96 15.96 41.91 0.87
CA CYS F 96 15.31 40.60 0.93
C CYS F 96 16.07 39.62 0.04
N VAL F 97 16.19 38.38 0.50
CA VAL F 97 17.01 37.37 -0.15
C VAL F 97 16.20 36.09 -0.26
N ARG F 98 16.36 35.39 -1.39
CA ARG F 98 15.72 34.11 -1.61
C ARG F 98 16.74 32.98 -1.42
N SER F 99 16.27 31.85 -0.89
CA SER F 99 17.15 30.72 -0.63
C SER F 99 16.31 29.46 -0.58
N ILE F 100 16.49 28.60 -1.58
CA ILE F 100 15.84 27.30 -1.64
C ILE F 100 16.80 26.27 -1.07
N TYR F 101 16.26 25.29 -0.37
CA TYR F 101 17.07 24.32 0.37
C TYR F 101 16.71 22.91 -0.06
N TYR F 102 17.65 22.27 -0.75
CA TYR F 102 17.57 20.84 -1.07
C TYR F 102 18.98 20.44 -1.51
N TYR F 103 19.16 19.14 -1.75
CA TYR F 103 20.49 18.65 -2.04
C TYR F 103 21.07 19.38 -3.24
N GLY F 104 22.31 19.83 -3.11
CA GLY F 104 22.99 20.52 -4.19
C GLY F 104 22.33 21.81 -4.64
N SER F 105 21.78 22.58 -3.72
CA SER F 105 21.16 23.86 -4.06
C SER F 105 22.03 25.02 -3.59
N SER F 106 21.76 26.20 -4.14
CA SER F 106 22.52 27.41 -3.83
C SER F 106 21.64 28.36 -3.05
N PRO F 107 21.67 28.30 -1.72
CA PRO F 107 20.94 29.30 -0.93
C PRO F 107 21.55 30.68 -1.09
N PHE F 108 20.75 31.68 -0.76
CA PHE F 108 21.14 33.09 -0.89
C PHE F 108 21.55 33.39 -2.33
N ASP F 109 20.86 32.76 -3.29
CA ASP F 109 21.25 32.90 -4.69
C ASP F 109 21.05 34.33 -5.18
N PHE F 110 19.92 34.95 -4.84
CA PHE F 110 19.55 36.25 -5.39
C PHE F 110 19.18 37.19 -4.26
N TRP F 111 19.78 38.38 -4.28
CA TRP F 111 19.44 39.46 -3.39
C TRP F 111 18.60 40.48 -4.16
N GLY F 112 18.32 41.63 -3.52
CA GLY F 112 17.56 42.67 -4.18
C GLY F 112 18.06 44.05 -3.76
N GLN F 113 17.51 45.06 -4.43
CA GLN F 113 17.80 46.44 -4.07
C GLN F 113 17.02 46.82 -2.83
N GLY F 114 17.73 47.27 -1.79
CA GLY F 114 17.11 47.47 -0.51
C GLY F 114 16.42 48.82 -0.38
N THR F 115 15.81 49.02 0.79
CA THR F 115 15.14 50.26 1.13
C THR F 115 15.78 50.89 2.35
N THR F 116 15.86 52.22 2.37
CA THR F 116 16.56 52.94 3.42
C THR F 116 15.58 53.34 4.52
N LEU F 117 15.97 53.09 5.76
CA LEU F 117 15.20 53.46 6.94
C LEU F 117 16.07 54.34 7.83
N THR F 118 15.57 55.51 8.18
CA THR F 118 16.26 56.45 9.05
C THR F 118 15.32 56.91 10.14
N VAL F 119 15.78 56.86 11.39
CA VAL F 119 15.00 57.23 12.56
C VAL F 119 15.68 58.40 13.24
N SER F 120 14.94 59.48 13.46
CA SER F 120 15.48 60.67 14.12
C SER F 120 15.48 60.48 15.63
N SER F 136 26.24 31.47 22.43
CA SER F 136 25.81 32.72 21.82
C SER F 136 25.64 32.56 20.31
N ASP F 137 26.54 33.17 19.53
CA ASP F 137 26.46 33.15 18.08
C ASP F 137 27.83 32.80 17.49
N ILE F 138 27.82 32.10 16.36
CA ILE F 138 29.06 31.86 15.64
C ILE F 138 29.56 33.19 15.07
N VAL F 139 30.84 33.47 15.27
CA VAL F 139 31.43 34.73 14.88
C VAL F 139 32.52 34.46 13.85
N MET F 140 32.47 35.19 12.73
CA MET F 140 33.52 35.19 11.72
C MET F 140 34.07 36.60 11.60
N THR F 141 35.39 36.70 11.47
CA THR F 141 36.08 37.98 11.46
C THR F 141 36.92 38.13 10.21
N GLN F 142 37.01 39.37 9.73
CA GLN F 142 37.88 39.72 8.61
C GLN F 142 38.90 40.74 9.11
N ALA F 143 40.17 40.32 9.19
CA ALA F 143 41.20 41.20 9.71
C ALA F 143 41.43 42.39 8.80
N THR F 144 41.32 42.19 7.49
CA THR F 144 41.63 43.23 6.52
C THR F 144 40.39 44.05 6.22
N SER F 145 40.42 45.32 6.63
CA SER F 145 39.37 46.27 6.31
C SER F 145 39.63 47.02 5.02
N SER F 146 40.82 46.86 4.42
CA SER F 146 41.14 47.51 3.16
C SER F 146 42.41 46.88 2.61
N VAL F 147 42.36 46.45 1.36
CA VAL F 147 43.49 45.78 0.71
C VAL F 147 43.66 46.32 -0.70
N PRO F 148 44.53 47.30 -0.92
CA PRO F 148 44.76 47.78 -2.29
C PRO F 148 45.23 46.66 -3.21
N VAL F 149 44.75 46.69 -4.45
CA VAL F 149 45.10 45.69 -5.45
C VAL F 149 45.33 46.40 -6.79
N THR F 150 45.82 45.64 -7.76
CA THR F 150 46.07 46.16 -9.09
C THR F 150 45.46 45.24 -10.14
N PRO F 151 45.01 45.78 -11.28
CA PRO F 151 44.42 44.91 -12.31
C PRO F 151 45.39 43.84 -12.78
N GLY F 152 44.86 42.65 -13.02
CA GLY F 152 45.65 41.54 -13.50
C GLY F 152 46.32 40.72 -12.41
N GLU F 153 46.33 41.19 -11.17
CA GLU F 153 46.94 40.48 -10.06
C GLU F 153 45.95 39.47 -9.47
N SER F 154 46.49 38.55 -8.67
CA SER F 154 45.70 37.54 -7.98
C SER F 154 45.58 37.92 -6.51
N VAL F 155 44.36 37.91 -6.00
CA VAL F 155 44.08 38.37 -4.63
C VAL F 155 43.40 37.23 -3.86
N SER F 156 43.91 36.96 -2.67
CA SER F 156 43.35 35.95 -1.78
C SER F 156 42.79 36.65 -0.55
N ILE F 157 41.52 36.39 -0.24
CA ILE F 157 40.83 36.98 0.90
C ILE F 157 40.41 35.83 1.82
N SER F 158 40.91 35.83 3.05
CA SER F 158 40.61 34.79 4.01
C SER F 158 39.70 35.33 5.10
N CYS F 159 38.85 34.45 5.63
CA CYS F 159 37.98 34.82 6.74
C CYS F 159 37.67 33.57 7.55
N ARG F 160 38.04 33.59 8.83
CA ARG F 160 37.93 32.43 9.71
C ARG F 160 36.59 32.48 10.45
N SER F 161 36.33 31.42 11.21
CA SER F 161 35.06 31.25 11.91
C SER F 161 35.32 30.86 13.36
N SER F 162 34.31 31.10 14.20
CA SER F 162 34.44 30.78 15.61
C SER F 162 34.63 29.28 15.82
N LYS F 163 33.86 28.46 15.11
CA LYS F 163 33.94 27.01 15.23
C LYS F 163 34.10 26.39 13.86
N SER F 164 34.13 25.06 13.82
CA SER F 164 34.28 24.35 12.56
C SER F 164 32.94 24.29 11.83
N LEU F 165 32.86 24.97 10.70
CA LEU F 165 31.65 24.96 9.89
C LEU F 165 31.44 23.64 9.16
N LEU F 166 32.44 22.78 9.13
CA LEU F 166 32.25 21.44 8.60
C LEU F 166 31.20 20.69 9.43
N HIS F 167 30.34 19.95 8.75
CA HIS F 167 29.26 19.21 9.39
C HIS F 167 29.44 17.71 9.10
N SER F 168 28.70 16.90 9.86
CA SER F 168 28.75 15.47 9.65
C SER F 168 28.38 15.08 8.23
N ASN F 169 27.44 15.78 7.61
CA ASN F 169 27.06 15.50 6.22
C ASN F 169 28.13 15.91 5.23
N GLY F 170 29.17 16.61 5.67
CA GLY F 170 30.30 16.94 4.82
C GLY F 170 30.25 18.31 4.16
N ASN F 171 29.39 19.20 4.62
CA ASN F 171 29.23 20.52 4.01
C ASN F 171 29.88 21.59 4.88
N THR F 172 30.72 22.42 4.26
CA THR F 172 31.35 23.57 4.90
C THR F 172 30.51 24.79 4.56
N TYR F 173 29.69 25.24 5.51
CA TYR F 173 28.70 26.28 5.27
C TYR F 173 29.37 27.65 5.35
N LEU F 174 29.96 28.05 4.22
CA LEU F 174 30.49 29.41 4.06
C LEU F 174 30.09 29.96 2.71
N TYR F 175 29.60 31.19 2.72
CA TYR F 175 29.10 31.86 1.52
C TYR F 175 29.83 33.18 1.34
N TRP F 176 29.98 33.60 0.10
CA TRP F 176 30.72 34.79 -0.25
C TRP F 176 29.82 35.73 -1.04
N PHE F 177 29.80 37.01 -0.65
CA PHE F 177 29.06 38.03 -1.37
C PHE F 177 29.99 39.19 -1.70
N LEU F 178 29.76 39.77 -2.88
CA LEU F 178 30.47 40.96 -3.32
C LEU F 178 29.48 42.09 -3.49
N GLN F 179 29.77 43.24 -2.88
CA GLN F 179 28.92 44.43 -2.92
C GLN F 179 29.74 45.55 -3.56
N ARG F 180 29.49 45.81 -4.83
CA ARG F 180 30.10 46.91 -5.54
C ARG F 180 29.44 48.23 -5.15
N PRO F 181 30.15 49.35 -5.28
CA PRO F 181 29.56 50.63 -4.85
C PRO F 181 28.26 50.91 -5.56
N GLY F 182 27.27 51.37 -4.79
CA GLY F 182 25.96 51.65 -5.36
C GLY F 182 25.30 50.42 -5.96
N GLN F 183 25.35 49.29 -5.26
CA GLN F 183 24.81 48.04 -5.77
C GLN F 183 24.50 47.11 -4.61
N SER F 184 23.68 46.09 -4.91
CA SER F 184 23.30 45.08 -3.93
C SER F 184 24.34 43.96 -3.87
N PRO F 185 24.45 43.26 -2.75
CA PRO F 185 25.36 42.11 -2.70
C PRO F 185 24.98 41.05 -3.72
N GLN F 186 26.00 40.37 -4.24
CA GLN F 186 25.80 39.27 -5.18
C GLN F 186 26.62 38.08 -4.73
N LEU F 187 26.02 36.89 -4.80
CA LEU F 187 26.70 35.69 -4.34
C LEU F 187 27.75 35.25 -5.35
N LEU F 188 28.88 34.76 -4.84
CA LEU F 188 29.97 34.24 -5.66
C LEU F 188 30.23 32.76 -5.43
N ILE F 189 30.45 32.35 -4.20
CA ILE F 189 30.70 30.96 -3.84
C ILE F 189 29.74 30.58 -2.73
N TYR F 190 29.18 29.38 -2.81
CA TYR F 190 28.33 28.86 -1.77
C TYR F 190 28.88 27.54 -1.25
N ARG F 191 28.61 27.30 0.04
CA ARG F 191 29.12 26.15 0.77
C ARG F 191 30.64 26.04 0.60
N MET F 192 31.31 27.19 0.50
CA MET F 192 32.76 27.34 0.61
C MET F 192 33.50 26.72 -0.56
N SER F 193 32.79 26.10 -1.52
CA SER F 193 33.46 25.34 -2.58
C SER F 193 32.72 25.35 -3.91
N ASN F 194 31.47 25.78 -3.99
CA ASN F 194 30.69 25.63 -5.21
C ASN F 194 30.43 26.99 -5.84
N LEU F 195 30.75 27.10 -7.13
CA LEU F 195 30.55 28.35 -7.85
C LEU F 195 29.07 28.55 -8.18
N ALA F 196 28.68 29.81 -8.32
CA ALA F 196 27.30 30.19 -8.60
C ALA F 196 27.08 30.25 -10.11
N SER F 197 25.88 30.63 -10.51
CA SER F 197 25.52 30.76 -11.91
C SER F 197 25.67 32.22 -12.34
N GLY F 198 26.31 32.44 -13.48
CA GLY F 198 26.52 33.77 -14.01
C GLY F 198 27.78 34.46 -13.50
N VAL F 199 28.51 33.84 -12.59
CA VAL F 199 29.74 34.42 -12.03
C VAL F 199 30.93 33.89 -12.85
N PRO F 200 31.82 34.76 -13.32
CA PRO F 200 32.95 34.26 -14.12
C PRO F 200 33.80 33.28 -13.32
N ASP F 201 34.37 32.31 -14.03
CA ASP F 201 35.10 31.22 -13.38
C ASP F 201 36.40 31.67 -12.73
N ARG F 202 36.75 32.96 -12.79
CA ARG F 202 37.97 33.42 -12.17
C ARG F 202 37.90 33.28 -10.65
N PHE F 203 36.75 33.56 -10.06
CA PHE F 203 36.58 33.40 -8.62
C PHE F 203 36.66 31.93 -8.23
N SER F 204 37.15 31.67 -7.02
CA SER F 204 37.14 30.31 -6.47
C SER F 204 37.25 30.40 -4.96
N GLY F 205 36.90 29.31 -4.29
CA GLY F 205 37.01 29.22 -2.85
C GLY F 205 37.56 27.87 -2.43
N SER F 206 38.14 27.85 -1.24
CA SER F 206 38.73 26.61 -0.72
C SER F 206 39.08 26.81 0.75
N GLY F 207 39.69 25.79 1.33
CA GLY F 207 40.17 25.86 2.69
C GLY F 207 39.91 24.55 3.42
N SER F 208 40.11 24.61 4.74
CA SER F 208 39.83 23.50 5.63
C SER F 208 39.15 24.02 6.89
N GLY F 209 39.04 23.17 7.92
CA GLY F 209 38.33 23.52 9.12
C GLY F 209 38.73 24.86 9.72
N THR F 210 37.79 25.81 9.72
CA THR F 210 37.98 27.11 10.36
C THR F 210 38.90 28.03 9.56
N ALA F 211 39.49 27.52 8.49
CA ALA F 211 40.40 28.30 7.65
C ALA F 211 39.79 28.33 6.24
N PHE F 212 39.23 29.49 5.87
CA PHE F 212 38.48 29.63 4.63
C PHE F 212 39.07 30.76 3.80
N THR F 213 39.31 30.49 2.52
CA THR F 213 39.94 31.45 1.62
C THR F 213 39.18 31.52 0.31
N LEU F 214 39.21 32.71 -0.29
CA LEU F 214 38.62 32.97 -1.60
C LEU F 214 39.70 33.56 -2.49
N THR F 215 39.95 32.92 -3.64
CA THR F 215 41.00 33.33 -4.56
C THR F 215 40.37 33.94 -5.81
N ILE F 216 40.98 35.03 -6.29
CA ILE F 216 40.58 35.66 -7.54
C ILE F 216 41.84 35.79 -8.40
N SER F 217 41.84 35.10 -9.54
CA SER F 217 42.97 35.11 -10.47
C SER F 217 42.62 35.99 -11.67
N ARG F 218 43.60 36.74 -12.14
CA ARG F 218 43.42 37.67 -13.26
C ARG F 218 42.31 38.67 -12.94
N LEU F 219 42.51 39.39 -11.85
CA LEU F 219 41.53 40.38 -11.42
C LEU F 219 41.33 41.42 -12.51
N GLU F 220 40.07 41.80 -12.74
CA GLU F 220 39.70 42.72 -13.80
C GLU F 220 38.74 43.76 -13.26
N ALA F 221 38.43 44.75 -14.10
CA ALA F 221 37.47 45.77 -13.73
C ALA F 221 36.11 45.15 -13.45
N GLU F 222 35.22 45.95 -12.85
CA GLU F 222 33.91 45.52 -12.38
C GLU F 222 34.03 44.49 -11.26
N ASP F 223 35.17 44.41 -10.59
CA ASP F 223 35.42 43.49 -9.48
C ASP F 223 35.92 44.24 -8.25
N VAL F 224 35.36 45.43 -8.02
CA VAL F 224 35.76 46.27 -6.90
C VAL F 224 34.56 46.45 -5.99
N GLY F 225 34.77 46.20 -4.70
CA GLY F 225 33.70 46.30 -3.74
C GLY F 225 34.05 45.56 -2.46
N VAL F 226 33.07 45.48 -1.57
CA VAL F 226 33.25 44.87 -0.26
C VAL F 226 32.89 43.39 -0.37
N TYR F 227 33.80 42.54 0.08
CA TYR F 227 33.56 41.10 0.18
C TYR F 227 33.11 40.77 1.59
N TYR F 228 32.01 40.02 1.69
CA TYR F 228 31.43 39.59 2.96
C TYR F 228 31.37 38.07 2.97
N CYS F 229 31.82 37.47 4.08
CA CYS F 229 31.71 36.04 4.28
C CYS F 229 30.62 35.76 5.30
N MET F 230 29.85 34.71 5.06
CA MET F 230 28.68 34.38 5.86
C MET F 230 28.68 32.89 6.19
N GLN F 231 28.02 32.54 7.28
CA GLN F 231 27.87 31.15 7.71
C GLN F 231 26.39 30.79 7.77
N HIS F 232 26.13 29.50 7.63
CA HIS F 232 24.75 28.99 7.63
C HIS F 232 24.59 27.74 8.49
N LEU F 233 25.58 27.37 9.30
CA LEU F 233 25.50 26.14 10.08
C LEU F 233 24.35 26.20 11.08
N GLU F 234 24.17 27.34 11.72
CA GLU F 234 23.10 27.49 12.71
C GLU F 234 22.79 28.98 12.88
N TYR F 235 21.52 29.26 13.16
CA TYR F 235 21.08 30.63 13.33
C TYR F 235 21.59 31.20 14.66
N PRO F 236 21.77 32.53 14.75
CA PRO F 236 21.53 33.54 13.71
C PRO F 236 22.57 33.50 12.59
N LEU F 237 22.28 34.09 11.44
CA LEU F 237 23.22 34.17 10.34
C LEU F 237 24.06 35.42 10.51
N THR F 238 25.37 35.24 10.73
CA THR F 238 26.27 36.33 11.05
C THR F 238 27.19 36.65 9.88
N PHE F 239 27.36 37.93 9.61
CA PHE F 239 28.26 38.41 8.56
C PHE F 239 29.60 38.84 9.16
N GLY F 240 30.59 38.96 8.29
CA GLY F 240 31.88 39.49 8.67
C GLY F 240 31.91 41.00 8.62
N ALA F 241 33.05 41.57 9.02
CA ALA F 241 33.20 43.01 9.01
C ALA F 241 33.11 43.56 7.58
N GLY F 242 33.74 42.88 6.63
CA GLY F 242 33.72 43.32 5.24
C GLY F 242 35.08 43.80 4.75
N THR F 243 35.66 43.08 3.79
CA THR F 243 36.97 43.42 3.23
C THR F 243 36.76 44.27 1.98
N LYS F 244 37.23 45.51 2.00
CA LYS F 244 37.04 46.43 0.89
C LYS F 244 38.28 46.43 0.00
N LEU F 245 38.08 46.31 -1.30
CA LEU F 245 39.16 46.31 -2.28
C LEU F 245 39.14 47.61 -3.05
N GLU F 246 40.29 48.30 -3.09
CA GLU F 246 40.42 49.56 -3.79
C GLU F 246 41.45 49.42 -4.90
N LEU F 247 41.38 50.34 -5.86
CA LEU F 247 42.34 50.35 -6.97
C LEU F 247 43.65 50.99 -6.55
#